data_8TZR
#
_entry.id   8TZR
#
_cell.length_a   1.00
_cell.length_b   1.00
_cell.length_c   1.00
_cell.angle_alpha   90.00
_cell.angle_beta   90.00
_cell.angle_gamma   90.00
#
_symmetry.space_group_name_H-M   'P 1'
#
loop_
_entity.id
_entity.type
_entity.pdbx_description
1 polymer 'Protein Wnt-3a'
2 polymer 'Protein wntless homolog'
3 polymer Calreticulin
4 branched alpha-D-glucopyranose-(1-3)-alpha-D-mannopyranose-(1-2)-alpha-D-mannopyranose-(1-2)-alpha-D-mannopyranose-(1-3)-beta-D-mannopyranose-(1-4)-2-acetamido-2-deoxy-beta-D-glucopyranose-(1-4)-2-acetamido-2-deoxy-beta-D-glucopyranose
5 non-polymer 'PALMITOLEIC ACID'
6 non-polymer '(2S)-3-(hexadecanoyloxy)-2-[(9Z)-octadec-9-enoyloxy]propyl 2-(trimethylammonio)ethyl phosphate'
#
loop_
_entity_poly.entity_id
_entity_poly.type
_entity_poly.pdbx_seq_one_letter_code
_entity_poly.pdbx_strand_id
1 'polypeptide(L)'
;MAPLGYFLLLCSLKQALGSYPIWWSLAVGPQYSSLGSQPILCASIPGLVPKQLRFCRNYVEIMPSVAEGIKIGIQECQHQ
FRGRRWNCTTVHDSLAIFGPVLDKATRESAFVHAIASAGVAFAVTRSCAEGTAAICGCSSRHQGSPGKGWKWGGCSEDIE
FGGMVSREFADARENRPDARSAMNRHNNEAGRQAIASHMHLKCKCHGLSGSCEVKTCWWSQPDFRAIGDFLKDKYDSASE
MVVEKHRESRGWVETLRPRYTYFKVPTERDLVYYEASPNFCEPNPETGSFGTRDRTCNVSSHGIDGCDLLCCGRGHNARA
ERRREKCRCVFHWCCYVSCQECTRVYDVHTCK
;
A
2 'polypeptide(L)'
;MAGAIIENMSTKKLCIVGGILLVFQIIAFLVGGLIAPGPTTAVSYMSVKCVDARKNHHKTKWFVPWGPNHCDKIRDIEEA
IPREIEANDIVFSVHIPLPHMEMSPWFQFMLFILQLDIAFKLNNQIRENAEVSMDVSLAYRDDAFAEWTEMAHERVPRKL
KCTFTSPKTPEHEGRYYECDVLPFMEIGSVAHKFYLLNIRLPVNEKKKINVGIGEIKDIRLVGIHQNGGFTKVWFAMKTF
LTPSIFIIMVWYWRRITMMSRPPVLLEKVIFALGISMTFINIPVEWFSIGFDWTWMLLFGDIRQGIFYAMLLSFWIIFCG
EHMMDQHERNHIAGYWKQVGPIAVGSFCLFIFDMCERGVQLTNPFYSIWTTDIGTELAMAFIIVAGICLCLYFLFLCFMV
FQVFRNISGKQSSLPAMSKVRRLHYEGLIFRFKFLMLITLACAAMTVIFFIVSQVTEGHWKWGGVTVQVNSAFFTGIYGM
WNLYVFALMFLYAPSHKNYGEDQSNGDLGVHSGEELQLTTTITHVDGPTEIYKLTRKEAQE
;
B
3 'polypeptide(L)'
;MLLSVPLLLGLLGLAVAEPAVYFKEQFLDGDGWTSRWIESKHKSDFGKFVLSSGKFYGDEEKDKGLQTSQDARFYALSAS
FEPFSNKGQTLVVQFTVKHEQNIDCGGGYVKLFPNSLDQTDMHGDSEYNIMFGPDICGPGTKKVHVIFNYKGKNVLINKD
IRCKDDEFTHLYTLIVRPDNTYEVKIDNSQVESGSLEDDWDFLPPKKIKDPDASKPEDWDERAKIDDPTDSKPEDWDKPE
HIPDPDAKKPEDWDEEMDGEWEPPVIQNPEYKGEWKPRQIDNPDYKGTWIHPEIDNPEYSPDPSIYAYDNFGVLGLDLWQ
VKSGTIFDNFLITNDEAYAEEFGNETWGVTKAAEKQMKDKQDEEQRLKEEEEDKKRKEEEEAEDKEDDEDKDEDEEDEED
KEEDEEEDVPGQAKDEL
;
C
#
loop_
_chem_comp.id
_chem_comp.type
_chem_comp.name
_chem_comp.formula
BMA D-saccharide, beta linking beta-D-mannopyranose 'C6 H12 O6'
GLC D-saccharide, alpha linking alpha-D-glucopyranose 'C6 H12 O6'
MAN D-saccharide, alpha linking alpha-D-mannopyranose 'C6 H12 O6'
NAG D-saccharide, beta linking 2-acetamido-2-deoxy-beta-D-glucopyranose 'C8 H15 N O6'
PAM non-polymer 'PALMITOLEIC ACID' 'C16 H30 O2'
POV non-polymer '(2S)-3-(hexadecanoyloxy)-2-[(9Z)-octadec-9-enoyloxy]propyl 2-(trimethylammonio)ethyl phosphate' 'C42 H82 N O8 P'
#
# COMPACT_ATOMS: atom_id res chain seq x y z
N ILE A 40 6.45 21.40 32.93
CA ILE A 40 6.50 20.55 34.12
C ILE A 40 7.18 19.23 33.77
N LEU A 41 8.00 18.73 34.69
CA LEU A 41 8.74 17.49 34.46
C LEU A 41 8.84 16.69 35.75
N CYS A 42 8.45 15.42 35.67
CA CYS A 42 8.73 14.42 36.70
C CYS A 42 8.23 14.85 38.08
N ALA A 43 7.19 15.67 38.13
CA ALA A 43 6.68 16.14 39.42
C ALA A 43 5.20 15.80 39.60
N SER A 44 4.40 16.03 38.57
CA SER A 44 2.96 15.75 38.68
C SER A 44 2.66 14.27 38.57
N ILE A 45 3.42 13.53 37.76
CA ILE A 45 3.21 12.11 37.56
C ILE A 45 3.60 11.36 38.84
N PRO A 46 2.66 10.64 39.46
CA PRO A 46 2.91 10.11 40.81
C PRO A 46 3.55 8.73 40.88
N GLY A 47 3.32 7.90 39.87
CA GLY A 47 3.60 6.48 39.99
C GLY A 47 4.97 5.98 39.59
N LEU A 48 5.90 6.87 39.23
CA LEU A 48 7.17 6.42 38.67
C LEU A 48 8.09 5.89 39.76
N VAL A 49 8.86 4.85 39.40
CA VAL A 49 9.86 4.25 40.28
C VAL A 49 11.21 4.90 39.99
N PRO A 50 12.21 4.82 40.90
CA PRO A 50 13.40 5.67 40.77
C PRO A 50 14.09 5.61 39.41
N LYS A 51 14.17 4.44 38.79
CA LYS A 51 14.70 4.36 37.42
C LYS A 51 13.87 5.23 36.49
N GLN A 52 12.56 5.22 36.68
CA GLN A 52 11.70 6.05 35.83
C GLN A 52 11.89 7.53 36.10
N LEU A 53 12.11 7.91 37.36
CA LEU A 53 12.41 9.32 37.63
C LEU A 53 13.72 9.73 36.95
N ARG A 54 14.74 8.88 37.02
CA ARG A 54 16.02 9.20 36.39
C ARG A 54 15.86 9.30 34.87
N PHE A 55 15.07 8.40 34.29
CA PHE A 55 14.80 8.45 32.86
C PHE A 55 14.04 9.71 32.48
N CYS A 56 13.06 10.10 33.30
CA CYS A 56 12.30 11.33 33.05
C CYS A 56 13.22 12.54 33.12
N ARG A 57 14.12 12.57 34.10
CA ARG A 57 15.01 13.71 34.25
C ARG A 57 16.00 13.80 33.09
N ASN A 58 16.45 12.66 32.58
CA ASN A 58 17.37 12.71 31.45
C ASN A 58 16.64 12.93 30.13
N TYR A 59 15.77 12.01 29.75
CA TYR A 59 15.04 12.12 28.48
C TYR A 59 13.70 12.81 28.66
N VAL A 60 13.75 14.08 29.09
CA VAL A 60 12.53 14.80 29.43
C VAL A 60 11.66 15.02 28.20
N GLU A 61 12.28 15.27 27.05
CA GLU A 61 11.49 15.54 25.85
C GLU A 61 10.72 14.32 25.38
N ILE A 62 11.20 13.12 25.69
CA ILE A 62 10.56 11.90 25.20
C ILE A 62 9.24 11.65 25.91
N MET A 63 9.11 12.08 27.16
CA MET A 63 7.95 11.71 27.97
C MET A 63 6.60 12.06 27.33
N PRO A 64 6.39 13.22 26.69
CA PRO A 64 5.12 13.42 26.00
C PRO A 64 4.85 12.38 24.93
N SER A 65 5.87 11.92 24.23
CA SER A 65 5.68 10.84 23.26
C SER A 65 5.28 9.54 23.94
N VAL A 66 5.82 9.27 25.13
CA VAL A 66 5.42 8.08 25.87
C VAL A 66 3.96 8.18 26.31
N ALA A 67 3.54 9.37 26.74
CA ALA A 67 2.13 9.55 27.07
C ALA A 67 1.26 9.33 25.84
N GLU A 68 1.69 9.82 24.68
CA GLU A 68 0.95 9.58 23.45
C GLU A 68 0.88 8.10 23.12
N GLY A 69 1.96 7.37 23.35
CA GLY A 69 1.95 5.94 23.13
C GLY A 69 1.00 5.21 24.04
N ILE A 70 0.97 5.57 25.32
CA ILE A 70 -0.01 5.00 26.23
C ILE A 70 -1.41 5.28 25.73
N LYS A 71 -1.67 6.51 25.28
CA LYS A 71 -3.00 6.87 24.82
C LYS A 71 -3.41 6.06 23.60
N ILE A 72 -2.51 5.92 22.63
CA ILE A 72 -2.87 5.17 21.42
C ILE A 72 -3.05 3.69 21.74
N GLY A 73 -2.24 3.15 22.64
CA GLY A 73 -2.43 1.76 23.03
C GLY A 73 -3.76 1.54 23.71
N ILE A 74 -4.14 2.45 24.60
CA ILE A 74 -5.42 2.29 25.29
C ILE A 74 -6.58 2.47 24.33
N GLN A 75 -6.44 3.36 23.34
CA GLN A 75 -7.48 3.50 22.33
C GLN A 75 -7.65 2.20 21.55
N GLU A 76 -6.55 1.56 21.16
CA GLU A 76 -6.66 0.29 20.47
C GLU A 76 -7.25 -0.80 21.36
N CYS A 77 -6.86 -0.84 22.63
CA CYS A 77 -7.45 -1.86 23.51
C CYS A 77 -8.92 -1.60 23.76
N GLN A 78 -9.37 -0.35 23.67
CA GLN A 78 -10.80 -0.07 23.70
C GLN A 78 -11.48 -0.56 22.42
N HIS A 79 -10.85 -0.28 21.28
CA HIS A 79 -11.46 -0.64 19.99
C HIS A 79 -11.58 -2.16 19.84
N GLN A 80 -10.52 -2.90 20.18
CA GLN A 80 -10.49 -4.33 19.93
C GLN A 80 -11.49 -5.10 20.77
N PHE A 81 -11.90 -4.56 21.92
CA PHE A 81 -12.80 -5.25 22.82
C PHE A 81 -14.13 -4.52 23.00
N ARG A 82 -14.56 -3.74 22.00
CA ARG A 82 -15.77 -2.94 22.17
C ARG A 82 -17.03 -3.79 22.29
N GLY A 83 -16.90 -5.11 22.24
CA GLY A 83 -18.06 -5.97 22.43
C GLY A 83 -17.92 -7.07 23.47
N ARG A 84 -16.69 -7.40 23.86
CA ARG A 84 -16.41 -8.63 24.59
C ARG A 84 -16.61 -8.51 26.10
N ARG A 85 -17.74 -7.96 26.54
CA ARG A 85 -18.13 -7.91 27.96
C ARG A 85 -17.19 -7.05 28.80
N TRP A 86 -16.12 -6.56 28.20
CA TRP A 86 -15.15 -5.71 28.88
C TRP A 86 -14.38 -4.94 27.83
N ASN A 87 -14.43 -3.61 27.92
CA ASN A 87 -14.02 -2.76 26.80
C ASN A 87 -13.06 -1.68 27.25
N CYS A 88 -12.09 -2.03 28.09
CA CYS A 88 -11.02 -1.12 28.50
C CYS A 88 -11.58 0.17 29.08
N THR A 89 -12.57 0.02 29.95
CA THR A 89 -13.21 1.18 30.56
C THR A 89 -12.23 1.92 31.47
N THR A 90 -12.13 3.23 31.26
CA THR A 90 -11.25 4.08 32.06
C THR A 90 -12.04 4.78 33.16
N VAL A 91 -11.39 4.96 34.32
CA VAL A 91 -11.96 5.67 35.45
C VAL A 91 -11.06 6.84 35.81
N HIS A 92 -11.67 7.95 36.20
CA HIS A 92 -10.96 9.20 36.43
C HIS A 92 -10.29 9.30 37.81
N ASP A 93 -10.12 8.18 38.51
CA ASP A 93 -9.50 8.23 39.83
C ASP A 93 -8.02 8.63 39.78
N SER A 94 -7.33 8.37 38.67
CA SER A 94 -5.98 8.83 38.41
C SER A 94 -4.92 8.12 39.25
N LEU A 95 -5.36 7.31 40.22
CA LEU A 95 -4.42 6.45 40.92
C LEU A 95 -4.30 5.09 40.25
N ALA A 96 -5.41 4.62 39.66
CA ALA A 96 -5.40 3.42 38.84
C ALA A 96 -6.51 3.61 37.81
N ILE A 97 -6.13 4.03 36.59
CA ILE A 97 -7.09 4.50 35.61
C ILE A 97 -8.00 3.41 35.08
N PHE A 98 -7.74 2.14 35.42
CA PHE A 98 -8.63 1.05 35.03
C PHE A 98 -9.24 0.32 36.22
N GLY A 99 -8.84 0.64 37.44
CA GLY A 99 -9.35 -0.04 38.60
C GLY A 99 -8.61 -1.33 38.92
N PRO A 100 -9.05 -2.03 39.96
CA PRO A 100 -8.31 -3.21 40.44
C PRO A 100 -8.27 -4.37 39.47
N VAL A 101 -9.16 -4.40 38.47
CA VAL A 101 -9.33 -5.62 37.67
C VAL A 101 -8.06 -5.95 36.88
N LEU A 102 -7.36 -4.94 36.39
CA LEU A 102 -6.15 -5.19 35.61
C LEU A 102 -4.94 -5.47 36.49
N ASP A 103 -5.05 -5.29 37.81
CA ASP A 103 -3.96 -5.72 38.69
C ASP A 103 -3.90 -7.24 38.80
N LYS A 104 -4.99 -7.93 38.48
CA LYS A 104 -4.96 -9.38 38.44
C LYS A 104 -4.14 -9.86 37.25
N ALA A 105 -3.46 -10.99 37.42
CA ALA A 105 -2.64 -11.55 36.36
C ALA A 105 -3.50 -12.33 35.37
N THR A 106 -4.43 -11.64 34.72
CA THR A 106 -5.38 -12.24 33.79
C THR A 106 -5.04 -11.87 32.36
N ARG A 107 -5.71 -12.55 31.42
CA ARG A 107 -5.48 -12.30 30.01
C ARG A 107 -5.78 -10.86 29.63
N GLU A 108 -6.76 -10.24 30.30
CA GLU A 108 -7.06 -8.85 30.02
C GLU A 108 -5.89 -7.95 30.37
N SER A 109 -5.30 -8.14 31.54
CA SER A 109 -4.10 -7.40 31.90
C SER A 109 -2.96 -7.73 30.95
N ALA A 110 -2.90 -8.98 30.51
CA ALA A 110 -1.89 -9.37 29.52
C ALA A 110 -2.00 -8.51 28.27
N PHE A 111 -3.21 -8.42 27.71
CA PHE A 111 -3.40 -7.65 26.49
C PHE A 111 -3.11 -6.18 26.75
N VAL A 112 -3.54 -5.65 27.90
CA VAL A 112 -3.32 -4.24 28.18
C VAL A 112 -1.82 -3.95 28.21
N HIS A 113 -1.04 -4.78 28.91
CA HIS A 113 0.39 -4.55 28.98
C HIS A 113 1.06 -4.67 27.62
N ALA A 114 0.67 -5.69 26.84
CA ALA A 114 1.27 -5.87 25.52
C ALA A 114 0.98 -4.69 24.61
N ILE A 115 -0.28 -4.23 24.59
CA ILE A 115 -0.63 -3.14 23.70
C ILE A 115 -0.04 -1.83 24.18
N ALA A 116 0.10 -1.64 25.49
CA ALA A 116 0.76 -0.43 25.98
C ALA A 116 2.21 -0.38 25.57
N SER A 117 2.92 -1.51 25.68
CA SER A 117 4.31 -1.53 25.24
C SER A 117 4.43 -1.26 23.75
N ALA A 118 3.56 -1.91 22.96
CA ALA A 118 3.59 -1.67 21.52
C ALA A 118 3.28 -0.20 21.21
N GLY A 119 2.35 0.40 21.94
CA GLY A 119 2.01 1.79 21.70
C GLY A 119 3.15 2.73 22.05
N VAL A 120 3.84 2.49 23.16
CA VAL A 120 4.98 3.33 23.50
C VAL A 120 6.04 3.23 22.43
N ALA A 121 6.36 2.02 21.99
CA ALA A 121 7.37 1.86 20.95
C ALA A 121 6.96 2.58 19.67
N PHE A 122 5.72 2.39 19.23
CA PHE A 122 5.25 2.99 17.99
C PHE A 122 5.27 4.51 18.07
N ALA A 123 4.77 5.06 19.17
CA ALA A 123 4.68 6.51 19.27
C ALA A 123 6.05 7.16 19.37
N VAL A 124 6.98 6.53 20.09
CA VAL A 124 8.32 7.12 20.16
C VAL A 124 9.00 7.06 18.80
N THR A 125 8.83 5.95 18.07
CA THR A 125 9.40 5.89 16.73
C THR A 125 8.79 6.95 15.82
N ARG A 126 7.47 7.15 15.90
CA ARG A 126 6.84 8.17 15.08
C ARG A 126 7.34 9.57 15.45
N SER A 127 7.47 9.85 16.74
CA SER A 127 7.92 11.18 17.16
C SER A 127 9.36 11.43 16.72
N CYS A 128 10.19 10.40 16.74
CA CYS A 128 11.52 10.56 16.14
C CYS A 128 11.42 10.80 14.65
N ALA A 129 10.47 10.16 13.99
CA ALA A 129 10.29 10.38 12.56
C ALA A 129 9.80 11.81 12.27
N GLU A 130 8.91 12.34 13.11
CA GLU A 130 8.44 13.71 12.88
C GLU A 130 9.54 14.73 13.07
N GLY A 131 10.60 14.39 13.79
CA GLY A 131 11.67 15.32 14.05
C GLY A 131 11.46 16.23 15.24
N THR A 132 10.39 16.02 16.01
CA THR A 132 10.22 16.81 17.22
C THR A 132 11.24 16.42 18.29
N ALA A 133 11.66 15.17 18.31
CA ALA A 133 12.59 14.67 19.33
C ALA A 133 14.02 14.79 18.82
N ALA A 134 14.82 15.60 19.49
CA ALA A 134 16.22 15.74 19.13
C ALA A 134 17.12 14.75 19.84
N ILE A 135 16.58 13.96 20.76
CA ILE A 135 17.43 13.11 21.60
C ILE A 135 17.75 11.79 20.89
N CYS A 136 16.78 11.22 20.20
CA CYS A 136 16.86 9.82 19.83
C CYS A 136 17.81 9.58 18.65
N GLY A 137 18.29 8.33 18.56
CA GLY A 137 19.13 7.88 17.48
C GLY A 137 20.51 8.51 17.53
N CYS A 138 21.19 8.43 16.39
CA CYS A 138 22.43 9.17 16.22
C CYS A 138 22.13 10.66 16.29
N SER A 139 22.98 11.41 17.00
CA SER A 139 22.78 12.84 17.15
C SER A 139 24.11 13.57 17.10
N SER A 140 25.07 13.04 16.33
CA SER A 140 26.41 13.60 16.23
C SER A 140 26.49 14.47 14.99
N ARG A 141 27.05 15.68 15.14
CA ARG A 141 27.04 16.66 14.07
C ARG A 141 28.15 16.43 13.05
N HIS A 142 29.40 16.25 13.51
CA HIS A 142 30.54 16.20 12.61
C HIS A 142 31.53 15.14 13.07
N GLN A 143 32.17 14.49 12.09
CA GLN A 143 33.16 13.45 12.36
C GLN A 143 34.25 13.53 11.29
N GLY A 144 35.45 13.94 11.70
CA GLY A 144 36.55 14.06 10.76
C GLY A 144 37.09 12.72 10.27
N SER A 145 37.73 11.99 11.18
CA SER A 145 38.23 10.65 10.88
C SER A 145 37.06 9.67 10.89
N PRO A 146 37.25 8.45 10.34
CA PRO A 146 36.15 7.47 10.38
C PRO A 146 35.62 7.27 11.79
N GLY A 147 34.37 7.69 12.02
CA GLY A 147 33.84 7.70 13.37
C GLY A 147 32.39 7.27 13.50
N LYS A 148 31.83 6.71 12.43
CA LYS A 148 30.48 6.13 12.43
C LYS A 148 29.39 7.14 12.76
N GLY A 149 29.63 8.44 12.56
CA GLY A 149 28.62 9.44 12.77
C GLY A 149 27.78 9.70 11.52
N TRP A 150 26.92 10.72 11.62
CA TRP A 150 26.05 11.09 10.52
C TRP A 150 26.81 11.31 9.22
N LYS A 151 27.73 12.28 9.22
CA LYS A 151 28.37 12.69 7.97
C LYS A 151 29.26 11.61 7.38
N TRP A 152 29.59 10.57 8.13
CA TRP A 152 30.41 9.48 7.61
C TRP A 152 29.62 8.21 7.39
N GLY A 153 28.93 7.70 8.41
CA GLY A 153 28.26 6.43 8.29
C GLY A 153 26.77 6.53 8.09
N GLY A 154 26.24 7.75 8.09
CA GLY A 154 24.80 7.89 8.06
C GLY A 154 24.20 7.54 9.41
N CYS A 155 22.94 7.13 9.40
CA CYS A 155 22.25 6.73 10.62
C CYS A 155 21.57 5.38 10.40
N SER A 156 21.83 4.46 11.33
CA SER A 156 21.23 3.13 11.31
C SER A 156 20.68 2.78 12.68
N GLU A 157 21.16 3.50 13.71
CA GLU A 157 20.78 3.20 15.09
C GLU A 157 19.41 3.77 15.44
N ASP A 158 18.79 4.54 14.55
CA ASP A 158 17.50 5.16 14.87
C ASP A 158 16.42 4.12 15.10
N ILE A 159 16.40 3.06 14.27
CA ILE A 159 15.30 2.10 14.33
C ILE A 159 15.26 1.33 15.65
N GLU A 160 16.38 1.29 16.39
CA GLU A 160 16.41 0.59 17.66
C GLU A 160 15.77 1.38 18.79
N PHE A 161 15.53 2.68 18.60
CA PHE A 161 15.24 3.55 19.74
C PHE A 161 13.90 3.24 20.38
N GLY A 162 12.88 2.90 19.58
CA GLY A 162 11.58 2.62 20.15
C GLY A 162 11.61 1.46 21.12
N GLY A 163 12.23 0.35 20.73
CA GLY A 163 12.35 -0.77 21.63
C GLY A 163 13.17 -0.42 22.85
N MET A 164 14.26 0.31 22.66
CA MET A 164 15.10 0.70 23.78
C MET A 164 14.32 1.49 24.82
N VAL A 165 13.61 2.54 24.38
CA VAL A 165 12.90 3.38 25.33
C VAL A 165 11.76 2.61 25.98
N SER A 166 11.05 1.79 25.19
CA SER A 166 9.92 1.07 25.77
C SER A 166 10.39 0.08 26.83
N ARG A 167 11.49 -0.63 26.57
CA ARG A 167 11.95 -1.62 27.54
C ARG A 167 12.61 -0.96 28.75
N GLU A 168 13.29 0.17 28.55
CA GLU A 168 13.91 0.84 29.69
C GLU A 168 12.88 1.57 30.54
N PHE A 169 11.70 1.87 29.98
CA PHE A 169 10.67 2.54 30.77
C PHE A 169 9.73 1.54 31.41
N ALA A 170 9.06 0.73 30.59
CA ALA A 170 7.98 -0.11 31.08
C ALA A 170 8.49 -1.21 32.01
N ASP A 171 9.63 -1.82 31.68
CA ASP A 171 10.14 -2.91 32.47
C ASP A 171 10.79 -2.45 33.77
N ALA A 172 11.02 -1.15 33.95
CA ALA A 172 11.68 -0.67 35.15
C ALA A 172 10.86 -0.98 36.40
N ARG A 173 9.55 -0.75 36.33
CA ARG A 173 8.70 -0.99 37.49
C ARG A 173 8.49 -2.47 37.77
N GLU A 174 8.91 -3.36 36.87
CA GLU A 174 8.70 -4.79 37.01
C GLU A 174 10.01 -5.51 37.34
N ASN A 175 10.85 -4.90 38.18
CA ASN A 175 12.13 -5.52 38.54
C ASN A 175 11.98 -6.48 39.72
N ARG A 176 11.07 -6.19 40.64
CA ARG A 176 10.91 -7.02 41.83
C ARG A 176 10.49 -8.43 41.42
N PRO A 177 11.23 -9.47 41.85
CA PRO A 177 11.07 -10.79 41.22
C PRO A 177 9.83 -11.56 41.63
N ASP A 178 8.66 -10.92 41.57
CA ASP A 178 7.41 -11.65 41.78
C ASP A 178 6.95 -12.30 40.47
N ALA A 179 6.03 -13.25 40.61
CA ALA A 179 5.45 -13.88 39.42
C ALA A 179 4.72 -12.86 38.56
N ARG A 180 4.02 -11.92 39.19
CA ARG A 180 3.40 -10.82 38.46
C ARG A 180 4.41 -10.09 37.59
N SER A 181 5.59 -9.81 38.15
CA SER A 181 6.59 -9.06 37.40
C SER A 181 7.18 -9.89 36.26
N ALA A 182 7.39 -11.18 36.49
CA ALA A 182 7.89 -12.03 35.41
C ALA A 182 6.90 -12.07 34.25
N MET A 183 5.61 -12.24 34.57
CA MET A 183 4.60 -12.20 33.52
C MET A 183 4.57 -10.84 32.84
N ASN A 184 4.73 -9.77 33.62
CA ASN A 184 4.73 -8.43 33.05
C ASN A 184 5.87 -8.26 32.06
N ARG A 185 7.06 -8.73 32.42
CA ARG A 185 8.21 -8.62 31.52
C ARG A 185 7.98 -9.42 30.25
N HIS A 186 7.48 -10.65 30.38
CA HIS A 186 7.27 -11.47 29.19
C HIS A 186 6.24 -10.85 28.27
N ASN A 187 5.12 -10.38 28.83
CA ASN A 187 4.10 -9.75 27.99
C ASN A 187 4.61 -8.47 27.35
N ASN A 188 5.39 -7.68 28.09
CA ASN A 188 5.90 -6.44 27.53
C ASN A 188 6.85 -6.73 26.37
N GLU A 189 7.71 -7.73 26.52
CA GLU A 189 8.57 -8.11 25.40
C GLU A 189 7.74 -8.65 24.24
N ALA A 190 6.64 -9.34 24.54
CA ALA A 190 5.77 -9.81 23.47
C ALA A 190 5.18 -8.63 22.71
N GLY A 191 4.77 -7.59 23.43
CA GLY A 191 4.24 -6.41 22.78
C GLY A 191 5.27 -5.75 21.88
N ARG A 192 6.50 -5.61 22.38
CA ARG A 192 7.54 -5.00 21.56
C ARG A 192 7.87 -5.86 20.35
N GLN A 193 7.92 -7.18 20.52
CA GLN A 193 8.21 -8.06 19.40
C GLN A 193 7.08 -8.06 18.39
N ALA A 194 5.86 -7.72 18.81
CA ALA A 194 4.78 -7.56 17.86
C ALA A 194 5.07 -6.44 16.87
N ILE A 195 5.56 -5.31 17.37
CA ILE A 195 5.97 -4.22 16.48
C ILE A 195 7.16 -4.65 15.65
N ALA A 196 8.13 -5.32 16.28
CA ALA A 196 9.33 -5.73 15.55
C ALA A 196 9.01 -6.71 14.43
N SER A 197 7.95 -7.49 14.57
CA SER A 197 7.64 -8.51 13.57
C SER A 197 6.97 -7.92 12.33
N HIS A 198 6.12 -6.92 12.52
CA HIS A 198 5.25 -6.44 11.45
C HIS A 198 5.86 -5.31 10.63
N MET A 199 7.12 -4.95 10.85
CA MET A 199 7.75 -3.92 10.03
C MET A 199 8.07 -4.46 8.64
N HIS A 200 7.36 -3.99 7.63
CA HIS A 200 7.59 -4.44 6.27
C HIS A 200 8.88 -3.85 5.72
N LEU A 201 9.64 -4.65 5.00
CA LEU A 201 10.81 -4.13 4.29
C LEU A 201 10.44 -3.70 2.89
N LYS A 202 10.79 -2.46 2.54
CA LYS A 202 10.54 -1.92 1.22
C LYS A 202 11.86 -1.44 0.62
N CYS A 203 11.95 -1.46 -0.71
CA CYS A 203 13.20 -1.13 -1.36
C CYS A 203 12.97 -0.24 -2.57
N LYS A 204 13.97 0.61 -2.82
CA LYS A 204 14.03 1.47 -3.99
C LYS A 204 15.41 1.32 -4.59
N CYS A 205 15.52 1.47 -5.90
CA CYS A 205 16.80 1.23 -6.54
C CYS A 205 17.09 2.33 -7.56
N HIS A 206 18.39 2.54 -7.79
CA HIS A 206 18.88 3.54 -8.72
C HIS A 206 20.24 3.08 -9.21
N GLY A 207 20.71 3.69 -10.29
CA GLY A 207 21.99 3.28 -10.83
C GLY A 207 22.11 3.67 -12.29
N LEU A 208 22.72 2.76 -13.06
CA LEU A 208 23.18 3.01 -14.42
C LEU A 208 22.24 3.89 -15.23
N SER A 209 21.00 3.45 -15.42
CA SER A 209 19.97 4.24 -16.07
C SER A 209 18.66 4.04 -15.32
N GLY A 210 18.74 4.08 -14.00
CA GLY A 210 17.60 3.72 -13.17
C GLY A 210 17.48 2.24 -12.87
N SER A 211 18.48 1.43 -13.23
CA SER A 211 18.43 0.00 -12.96
C SER A 211 18.90 -0.29 -11.55
N CYS A 212 18.58 -1.48 -11.07
CA CYS A 212 18.84 -1.83 -9.68
C CYS A 212 20.24 -2.39 -9.47
N GLU A 213 21.28 -1.64 -9.83
CA GLU A 213 22.62 -2.02 -9.40
C GLU A 213 22.93 -1.46 -8.02
N VAL A 214 22.38 -0.30 -7.69
CA VAL A 214 22.46 0.27 -6.35
C VAL A 214 21.06 0.18 -5.76
N LYS A 215 20.89 -0.64 -4.74
CA LYS A 215 19.59 -0.85 -4.13
C LYS A 215 19.63 -0.36 -2.68
N THR A 216 18.58 0.37 -2.28
CA THR A 216 18.46 0.89 -0.93
C THR A 216 17.17 0.37 -0.31
N CYS A 217 17.25 -0.06 0.95
CA CYS A 217 16.10 -0.62 1.63
C CYS A 217 16.01 -0.05 3.04
N TRP A 218 14.79 0.01 3.55
CA TRP A 218 14.52 0.55 4.88
C TRP A 218 13.29 -0.14 5.45
N TRP A 219 13.15 -0.08 6.76
CA TRP A 219 11.99 -0.65 7.43
C TRP A 219 10.88 0.39 7.52
N SER A 220 9.66 -0.02 7.18
CA SER A 220 8.49 0.85 7.19
C SER A 220 7.59 0.47 8.34
N GLN A 221 7.11 1.48 9.06
CA GLN A 221 6.29 1.23 10.25
C GLN A 221 4.97 0.59 9.86
N PRO A 222 4.46 -0.34 10.66
CA PRO A 222 3.13 -0.91 10.39
C PRO A 222 2.03 -0.01 10.91
N ASP A 223 0.86 -0.14 10.30
CA ASP A 223 -0.30 0.58 10.81
C ASP A 223 -0.68 0.01 12.18
N PHE A 224 -0.96 0.89 13.13
CA PHE A 224 -1.16 0.42 14.48
C PHE A 224 -2.47 -0.33 14.66
N ARG A 225 -3.41 -0.21 13.71
CA ARG A 225 -4.59 -1.06 13.75
C ARG A 225 -4.21 -2.52 13.52
N ALA A 226 -3.27 -2.78 12.61
CA ALA A 226 -2.85 -4.15 12.34
C ALA A 226 -2.26 -4.79 13.59
N ILE A 227 -1.45 -4.04 14.33
CA ILE A 227 -0.93 -4.55 15.60
C ILE A 227 -2.07 -4.84 16.56
N GLY A 228 -3.12 -4.01 16.53
CA GLY A 228 -4.28 -4.28 17.38
C GLY A 228 -4.92 -5.60 17.07
N ASP A 229 -5.14 -5.89 15.78
CA ASP A 229 -5.73 -7.17 15.41
C ASP A 229 -4.80 -8.33 15.74
N PHE A 230 -3.50 -8.15 15.54
CA PHE A 230 -2.56 -9.22 15.83
C PHE A 230 -2.55 -9.55 17.33
N LEU A 231 -2.55 -8.52 18.17
CA LEU A 231 -2.59 -8.76 19.61
C LEU A 231 -3.94 -9.31 20.04
N LYS A 232 -5.02 -8.94 19.34
CA LYS A 232 -6.32 -9.56 19.61
C LYS A 232 -6.27 -11.05 19.33
N ASP A 233 -5.65 -11.43 18.20
CA ASP A 233 -5.50 -12.84 17.86
C ASP A 233 -4.67 -13.55 18.92
N LYS A 234 -3.59 -12.92 19.38
CA LYS A 234 -2.81 -13.52 20.46
C LYS A 234 -3.64 -13.66 21.73
N TYR A 235 -4.48 -12.68 22.04
CA TYR A 235 -5.34 -12.75 23.21
C TYR A 235 -6.29 -13.94 23.12
N ASP A 236 -6.88 -14.16 21.95
CA ASP A 236 -7.74 -15.33 21.78
C ASP A 236 -6.96 -16.62 21.98
N SER A 237 -5.65 -16.59 21.74
CA SER A 237 -4.80 -17.77 21.85
C SER A 237 -3.81 -17.69 23.00
N ALA A 238 -4.09 -16.87 24.01
CA ALA A 238 -3.20 -16.78 25.16
C ALA A 238 -3.16 -18.09 25.93
N SER A 239 -2.01 -18.38 26.51
CA SER A 239 -1.78 -19.65 27.20
C SER A 239 -1.76 -19.43 28.71
N GLU A 240 -2.53 -20.24 29.43
CA GLU A 240 -2.47 -20.24 30.89
C GLU A 240 -1.27 -21.06 31.35
N MET A 241 -0.62 -20.60 32.42
CA MET A 241 0.58 -21.26 32.90
C MET A 241 0.83 -20.89 34.36
N VAL A 242 1.33 -21.86 35.13
CA VAL A 242 1.21 -21.87 36.59
C VAL A 242 2.50 -21.40 37.23
N VAL A 243 2.40 -21.02 38.51
CA VAL A 243 3.48 -20.37 39.25
C VAL A 243 4.34 -21.42 39.95
N GLU A 244 5.64 -21.13 40.06
CA GLU A 244 6.59 -21.94 40.82
C GLU A 244 7.45 -21.02 41.68
N LYS A 245 8.03 -21.59 42.73
CA LYS A 245 8.73 -20.79 43.74
C LYS A 245 10.02 -21.47 44.17
N HIS A 246 11.14 -20.74 44.09
CA HIS A 246 12.42 -21.18 44.61
C HIS A 246 13.40 -20.02 44.47
N ARG A 247 14.48 -20.07 45.26
CA ARG A 247 15.49 -19.03 45.22
C ARG A 247 16.88 -19.66 45.29
N GLU A 248 17.85 -18.98 44.68
CA GLU A 248 19.23 -19.45 44.71
C GLU A 248 19.83 -19.31 46.10
N SER A 249 19.42 -18.31 46.87
CA SER A 249 19.83 -18.15 48.26
C SER A 249 18.69 -18.55 49.17
N ARG A 250 18.94 -18.47 50.48
CA ARG A 250 17.90 -18.82 51.45
C ARG A 250 16.77 -17.80 51.37
N GLY A 251 15.68 -18.20 50.74
CA GLY A 251 14.54 -17.32 50.50
C GLY A 251 13.68 -17.90 49.37
N TRP A 252 12.79 -17.07 48.85
CA TRP A 252 11.83 -17.47 47.82
C TRP A 252 11.82 -16.47 46.67
N VAL A 253 11.84 -17.00 45.45
CA VAL A 253 11.69 -16.23 44.22
C VAL A 253 10.74 -16.99 43.30
N GLU A 254 9.95 -16.25 42.53
CA GLU A 254 8.82 -16.84 41.81
C GLU A 254 9.10 -16.89 40.32
N THR A 255 8.50 -17.89 39.67
CA THR A 255 8.53 -18.03 38.22
C THR A 255 7.32 -18.83 37.78
N LEU A 256 7.02 -18.77 36.49
CA LEU A 256 5.81 -19.37 35.95
C LEU A 256 6.16 -20.57 35.08
N ARG A 257 5.36 -21.64 35.21
CA ARG A 257 5.60 -22.89 34.50
C ARG A 257 4.49 -23.15 33.50
N PRO A 258 4.82 -23.42 32.25
CA PRO A 258 3.78 -23.63 31.23
C PRO A 258 2.97 -24.89 31.48
N ARG A 259 1.74 -24.88 30.97
CA ARG A 259 0.88 -26.07 30.97
C ARG A 259 1.15 -26.87 29.69
N TYR A 260 2.31 -27.53 29.67
CA TYR A 260 2.80 -28.19 28.47
C TYR A 260 2.10 -29.51 28.16
N THR A 261 1.02 -29.85 28.87
CA THR A 261 0.31 -31.09 28.57
C THR A 261 -0.29 -31.11 27.18
N TYR A 262 -0.90 -30.01 26.74
CA TYR A 262 -1.45 -29.91 25.39
C TYR A 262 -0.81 -28.79 24.60
N PHE A 263 -0.73 -27.60 25.20
CA PHE A 263 -0.37 -26.40 24.46
C PHE A 263 1.13 -26.12 24.60
N LYS A 264 1.59 -25.16 23.80
CA LYS A 264 2.98 -24.72 23.82
C LYS A 264 3.02 -23.20 23.74
N VAL A 265 3.88 -22.59 24.55
CA VAL A 265 4.01 -21.14 24.62
C VAL A 265 5.37 -20.74 24.07
N PRO A 266 5.43 -19.97 22.99
CA PRO A 266 6.71 -19.50 22.48
C PRO A 266 7.16 -18.24 23.20
N THR A 267 8.42 -18.24 23.63
CA THR A 267 8.96 -17.09 24.36
C THR A 267 8.95 -15.85 23.49
N GLU A 268 8.68 -14.71 24.13
CA GLU A 268 8.72 -13.39 23.50
C GLU A 268 7.76 -13.27 22.32
N ARG A 269 6.72 -14.12 22.27
CA ARG A 269 5.77 -14.02 21.18
C ARG A 269 4.32 -14.07 21.65
N ASP A 270 4.03 -14.88 22.66
CA ASP A 270 2.65 -15.10 23.10
C ASP A 270 2.42 -14.54 24.50
N LEU A 271 1.23 -14.03 24.71
CA LEU A 271 0.83 -13.49 26.00
C LEU A 271 0.57 -14.62 26.99
N VAL A 272 0.91 -14.38 28.26
CA VAL A 272 0.76 -15.38 29.31
C VAL A 272 0.06 -14.75 30.50
N TYR A 273 -0.54 -15.60 31.32
CA TYR A 273 -1.28 -15.16 32.50
C TYR A 273 -1.38 -16.32 33.46
N TYR A 274 -1.72 -16.02 34.71
CA TYR A 274 -1.89 -17.09 35.69
C TYR A 274 -3.07 -16.93 36.63
N GLU A 275 -3.91 -15.92 36.48
CA GLU A 275 -5.10 -15.76 37.30
C GLU A 275 -6.34 -15.80 36.42
N ALA A 276 -7.33 -16.58 36.83
CA ALA A 276 -8.57 -16.69 36.07
C ALA A 276 -9.31 -15.36 36.03
N SER A 277 -9.89 -15.05 34.88
CA SER A 277 -10.63 -13.81 34.72
C SER A 277 -11.95 -13.89 35.47
N PRO A 278 -12.35 -12.84 36.17
CA PRO A 278 -13.62 -12.86 36.90
C PRO A 278 -14.80 -12.68 35.97
N ASN A 279 -15.98 -13.04 36.49
CA ASN A 279 -17.22 -12.86 35.73
C ASN A 279 -17.50 -11.37 35.63
N PHE A 280 -17.82 -10.91 34.42
CA PHE A 280 -18.00 -9.49 34.14
C PHE A 280 -19.47 -9.06 34.17
N CYS A 281 -20.39 -9.96 34.46
CA CYS A 281 -21.82 -9.61 34.42
C CYS A 281 -22.16 -8.56 35.46
N GLU A 282 -21.79 -8.80 36.71
CA GLU A 282 -22.28 -7.89 37.72
C GLU A 282 -21.23 -6.83 38.05
N PRO A 283 -21.66 -5.62 38.41
CA PRO A 283 -20.71 -4.63 38.92
C PRO A 283 -20.16 -5.07 40.28
N ASN A 284 -18.85 -4.97 40.43
CA ASN A 284 -18.19 -5.35 41.68
C ASN A 284 -16.90 -4.56 41.80
N PRO A 285 -16.91 -3.46 42.56
CA PRO A 285 -15.68 -2.65 42.70
C PRO A 285 -14.55 -3.38 43.41
N GLU A 286 -14.84 -4.43 44.20
CA GLU A 286 -13.77 -5.16 44.87
C GLU A 286 -12.84 -5.82 43.86
N THR A 287 -13.41 -6.51 42.86
CA THR A 287 -12.59 -7.06 41.79
C THR A 287 -12.29 -6.02 40.72
N GLY A 288 -12.99 -4.89 40.72
CA GLY A 288 -12.75 -3.87 39.73
C GLY A 288 -13.49 -4.04 38.43
N SER A 289 -14.62 -4.76 38.45
CA SER A 289 -15.40 -5.01 37.25
C SER A 289 -16.71 -4.23 37.30
N PHE A 290 -17.06 -3.61 36.17
CA PHE A 290 -18.29 -2.85 36.04
C PHE A 290 -19.27 -3.65 35.19
N GLY A 291 -20.52 -3.72 35.64
CA GLY A 291 -21.50 -4.56 34.99
C GLY A 291 -21.94 -4.02 33.64
N THR A 292 -22.61 -4.90 32.89
CA THR A 292 -23.11 -4.59 31.56
C THR A 292 -24.52 -4.02 31.57
N ARG A 293 -24.94 -3.40 32.67
CA ARG A 293 -26.31 -2.92 32.79
C ARG A 293 -26.62 -1.84 31.74
N ASP A 294 -25.61 -1.11 31.28
CA ASP A 294 -25.81 -0.04 30.32
C ASP A 294 -25.33 -0.38 28.91
N ARG A 295 -24.73 -1.55 28.71
CA ARG A 295 -24.15 -1.88 27.42
C ARG A 295 -25.23 -2.27 26.42
N THR A 296 -24.87 -2.23 25.14
CA THR A 296 -25.76 -2.56 24.05
C THR A 296 -25.06 -3.49 23.08
N CYS A 297 -25.85 -4.21 22.28
CA CYS A 297 -25.29 -5.22 21.41
C CYS A 297 -26.19 -5.44 20.20
N ASN A 298 -25.73 -6.30 19.30
CA ASN A 298 -26.40 -6.61 18.05
C ASN A 298 -27.57 -7.55 18.30
N VAL A 299 -28.59 -7.05 19.01
CA VAL A 299 -29.61 -7.91 19.61
C VAL A 299 -30.35 -8.71 18.54
N SER A 300 -30.57 -8.12 17.37
CA SER A 300 -31.46 -8.71 16.39
C SER A 300 -30.91 -10.04 15.89
N SER A 301 -31.52 -11.14 16.36
CA SER A 301 -31.32 -12.49 15.84
C SER A 301 -29.96 -13.08 16.19
N HIS A 302 -29.06 -12.28 16.76
CA HIS A 302 -27.73 -12.79 17.08
C HIS A 302 -27.12 -11.97 18.22
N GLY A 303 -25.82 -12.11 18.44
CA GLY A 303 -25.07 -11.31 19.40
C GLY A 303 -23.58 -11.45 19.14
N ILE A 304 -22.87 -10.32 19.10
CA ILE A 304 -21.47 -10.34 18.66
C ILE A 304 -20.61 -11.23 19.54
N ASP A 305 -20.95 -11.37 20.81
CA ASP A 305 -20.37 -12.40 21.66
C ASP A 305 -21.48 -13.09 22.44
N GLY A 306 -22.69 -12.98 21.92
CA GLY A 306 -23.88 -13.51 22.56
C GLY A 306 -24.62 -12.44 23.33
N CYS A 307 -25.72 -11.93 22.75
CA CYS A 307 -26.50 -10.92 23.43
C CYS A 307 -27.25 -11.51 24.62
N ASP A 308 -27.74 -12.75 24.48
CA ASP A 308 -28.39 -13.42 25.59
C ASP A 308 -27.42 -13.62 26.75
N LEU A 309 -26.11 -13.67 26.46
CA LEU A 309 -25.09 -13.89 27.48
C LEU A 309 -24.59 -12.58 28.06
N LEU A 310 -24.03 -11.71 27.20
CA LEU A 310 -23.39 -10.49 27.68
C LEU A 310 -24.37 -9.54 28.35
N CYS A 311 -25.66 -9.62 28.03
CA CYS A 311 -26.65 -8.80 28.70
C CYS A 311 -26.96 -9.29 30.12
N CYS A 312 -26.62 -10.54 30.43
CA CYS A 312 -26.73 -11.09 31.78
C CYS A 312 -28.15 -10.95 32.34
N GLY A 313 -29.13 -11.17 31.49
CA GLY A 313 -30.52 -11.02 31.89
C GLY A 313 -31.41 -11.00 30.67
N ARG A 314 -32.65 -10.56 30.89
CA ARG A 314 -33.64 -10.47 29.85
C ARG A 314 -34.18 -9.06 29.77
N GLY A 315 -34.61 -8.67 28.57
CA GLY A 315 -34.95 -7.30 28.25
C GLY A 315 -33.83 -6.68 27.45
N HIS A 316 -33.96 -6.66 26.13
CA HIS A 316 -32.86 -6.39 25.23
C HIS A 316 -33.10 -5.15 24.36
N ASN A 317 -34.12 -4.36 24.66
CA ASN A 317 -34.39 -3.14 23.91
C ASN A 317 -34.89 -2.08 24.88
N ALA A 318 -34.44 -0.85 24.66
CA ALA A 318 -34.79 0.23 25.59
C ALA A 318 -35.40 1.44 24.91
N ARG A 319 -34.86 1.89 23.78
CA ARG A 319 -35.35 3.09 23.12
C ARG A 319 -35.13 3.01 21.62
N ALA A 320 -35.75 3.95 20.91
CA ALA A 320 -35.43 4.29 19.54
C ALA A 320 -35.22 5.79 19.45
N GLU A 321 -34.13 6.22 18.80
CA GLU A 321 -33.70 7.61 18.85
C GLU A 321 -33.58 8.20 17.46
N ARG A 322 -34.01 9.45 17.32
CA ARG A 322 -33.94 10.17 16.05
C ARG A 322 -32.62 10.94 16.02
N ARG A 323 -31.54 10.20 15.75
CA ARG A 323 -30.21 10.80 15.75
C ARG A 323 -30.07 11.82 14.63
N ARG A 324 -29.45 12.95 14.94
CA ARG A 324 -29.23 14.02 13.96
C ARG A 324 -27.77 14.00 13.53
N GLU A 325 -27.53 13.96 12.22
CA GLU A 325 -26.18 13.80 11.71
C GLU A 325 -26.05 14.44 10.34
N LYS A 326 -24.81 14.79 9.99
CA LYS A 326 -24.52 15.26 8.64
C LYS A 326 -24.74 14.13 7.65
N CYS A 327 -25.31 14.45 6.50
CA CYS A 327 -25.63 13.43 5.50
C CYS A 327 -25.60 14.06 4.12
N ARG A 328 -25.45 13.20 3.11
CA ARG A 328 -25.39 13.60 1.72
C ARG A 328 -24.28 14.62 1.48
N CYS A 329 -23.06 14.26 1.89
CA CYS A 329 -21.94 15.19 1.94
C CYS A 329 -21.03 15.04 0.73
N VAL A 330 -20.20 16.05 0.50
CA VAL A 330 -19.30 16.04 -0.66
C VAL A 330 -18.04 15.26 -0.36
N PHE A 331 -17.62 15.20 0.90
CA PHE A 331 -16.54 14.32 1.34
C PHE A 331 -15.18 14.56 0.69
N HIS A 332 -14.52 15.66 1.08
CA HIS A 332 -13.11 15.83 0.76
C HIS A 332 -12.29 14.72 1.39
N TRP A 333 -10.98 14.73 1.11
CA TRP A 333 -10.10 13.75 1.70
C TRP A 333 -9.81 13.99 3.17
N CYS A 334 -10.06 15.20 3.71
CA CYS A 334 -9.58 15.50 5.04
C CYS A 334 -10.62 15.74 6.11
N CYS A 335 -11.44 16.78 5.97
CA CYS A 335 -12.01 17.38 7.16
C CYS A 335 -13.02 18.45 6.83
N TYR A 336 -13.93 18.67 7.77
CA TYR A 336 -14.99 19.67 7.73
C TYR A 336 -15.59 19.83 6.35
N VAL A 337 -16.32 18.81 5.90
CA VAL A 337 -16.99 18.89 4.61
C VAL A 337 -18.05 19.99 4.58
N SER A 338 -18.51 20.46 5.74
CA SER A 338 -19.47 21.55 5.84
C SER A 338 -20.73 21.25 5.02
N CYS A 339 -21.20 20.02 5.10
CA CYS A 339 -22.31 19.56 4.28
C CYS A 339 -23.64 19.77 4.99
N GLN A 340 -24.71 19.44 4.28
CA GLN A 340 -26.04 19.47 4.87
C GLN A 340 -26.20 18.33 5.88
N GLU A 341 -27.31 18.35 6.60
CA GLU A 341 -27.54 17.41 7.68
C GLU A 341 -28.98 16.95 7.67
N CYS A 342 -29.22 15.79 8.28
CA CYS A 342 -30.56 15.22 8.37
C CYS A 342 -30.61 14.32 9.60
N THR A 343 -31.83 13.91 9.94
CA THR A 343 -32.07 13.06 11.11
C THR A 343 -32.49 11.66 10.65
N ARG A 344 -31.98 10.64 11.33
CA ARG A 344 -32.31 9.25 11.00
C ARG A 344 -32.61 8.48 12.28
N VAL A 345 -33.58 7.57 12.19
CA VAL A 345 -34.02 6.79 13.35
C VAL A 345 -33.12 5.57 13.52
N TYR A 346 -32.62 5.37 14.73
CA TYR A 346 -31.82 4.19 15.08
C TYR A 346 -32.39 3.54 16.34
N ASP A 347 -32.35 2.20 16.37
CA ASP A 347 -32.87 1.46 17.51
C ASP A 347 -31.80 1.33 18.58
N VAL A 348 -32.18 1.54 19.83
CA VAL A 348 -31.25 1.44 20.96
C VAL A 348 -31.48 0.13 21.69
N HIS A 349 -30.60 -0.84 21.44
CA HIS A 349 -30.75 -2.18 22.01
C HIS A 349 -30.04 -2.33 23.35
N THR A 350 -29.91 -1.23 24.09
CA THR A 350 -29.37 -1.31 25.44
C THR A 350 -30.15 -2.33 26.27
N CYS A 351 -29.43 -3.20 26.95
CA CYS A 351 -30.02 -4.35 27.60
C CYS A 351 -29.60 -4.41 29.06
N LYS A 352 -30.42 -5.09 29.86
CA LYS A 352 -30.29 -5.10 31.31
C LYS A 352 -29.04 -5.86 31.73
N GLY B 3 54.10 -12.00 -32.38
CA GLY B 3 52.80 -11.81 -31.78
C GLY B 3 52.83 -10.88 -30.57
N ALA B 4 51.75 -10.88 -29.80
CA ALA B 4 51.66 -10.03 -28.63
C ALA B 4 52.62 -10.51 -27.55
N ILE B 5 52.80 -9.67 -26.52
CA ILE B 5 53.80 -9.97 -25.50
C ILE B 5 53.43 -11.22 -24.72
N ILE B 6 52.13 -11.50 -24.58
CA ILE B 6 51.72 -12.69 -23.84
C ILE B 6 52.23 -13.95 -24.51
N GLU B 7 52.37 -13.94 -25.83
CA GLU B 7 52.94 -15.07 -26.54
C GLU B 7 54.40 -15.31 -26.18
N ASN B 8 55.11 -14.27 -25.73
CA ASN B 8 56.52 -14.35 -25.39
C ASN B 8 56.76 -14.56 -23.91
N MET B 9 55.81 -14.15 -23.06
CA MET B 9 55.97 -14.24 -21.62
C MET B 9 56.13 -15.69 -21.19
N SER B 10 57.14 -15.95 -20.36
CA SER B 10 57.30 -17.26 -19.77
C SER B 10 56.25 -17.48 -18.69
N THR B 11 56.05 -18.75 -18.32
CA THR B 11 55.01 -19.08 -17.35
C THR B 11 55.30 -18.46 -15.99
N LYS B 12 56.58 -18.34 -15.64
CA LYS B 12 56.94 -17.76 -14.33
C LYS B 12 56.55 -16.29 -14.25
N LYS B 13 56.90 -15.51 -15.28
CA LYS B 13 56.60 -14.09 -15.23
C LYS B 13 55.10 -13.84 -15.35
N LEU B 14 54.41 -14.64 -16.15
CA LEU B 14 52.96 -14.53 -16.20
C LEU B 14 52.35 -14.86 -14.85
N CYS B 15 52.90 -15.86 -14.15
CA CYS B 15 52.40 -16.22 -12.83
C CYS B 15 52.60 -15.08 -11.83
N ILE B 16 53.77 -14.44 -11.85
CA ILE B 16 54.02 -13.36 -10.90
C ILE B 16 53.13 -12.17 -11.22
N VAL B 17 52.87 -11.92 -12.51
CA VAL B 17 51.92 -10.88 -12.88
C VAL B 17 50.53 -11.20 -12.34
N GLY B 18 50.11 -12.46 -12.49
CA GLY B 18 48.82 -12.85 -11.95
C GLY B 18 48.76 -12.67 -10.45
N GLY B 19 49.85 -12.98 -9.76
CA GLY B 19 49.88 -12.82 -8.32
C GLY B 19 49.76 -11.37 -7.88
N ILE B 20 50.49 -10.48 -8.56
CA ILE B 20 50.38 -9.05 -8.25
C ILE B 20 48.96 -8.56 -8.51
N LEU B 21 48.37 -9.00 -9.63
CA LEU B 21 47.01 -8.60 -9.94
C LEU B 21 46.05 -9.07 -8.87
N LEU B 22 46.20 -10.30 -8.39
CA LEU B 22 45.30 -10.82 -7.37
C LEU B 22 45.49 -10.10 -6.03
N VAL B 23 46.73 -9.72 -5.70
CA VAL B 23 46.95 -8.96 -4.48
C VAL B 23 46.21 -7.63 -4.56
N PHE B 24 46.35 -6.93 -5.69
CA PHE B 24 45.62 -5.68 -5.85
C PHE B 24 44.11 -5.90 -5.85
N GLN B 25 43.66 -7.02 -6.41
CA GLN B 25 42.24 -7.39 -6.37
C GLN B 25 41.73 -7.50 -4.94
N ILE B 26 42.45 -8.25 -4.10
CA ILE B 26 42.00 -8.45 -2.74
C ILE B 26 42.06 -7.15 -1.95
N ILE B 27 43.05 -6.30 -2.22
CA ILE B 27 43.06 -4.99 -1.59
C ILE B 27 41.85 -4.16 -2.01
N ALA B 28 41.49 -4.22 -3.29
CA ALA B 28 40.34 -3.47 -3.77
C ALA B 28 39.04 -4.00 -3.21
N PHE B 29 38.97 -5.29 -2.86
CA PHE B 29 37.81 -5.79 -2.13
C PHE B 29 37.81 -5.33 -0.68
N LEU B 30 38.97 -5.38 -0.02
CA LEU B 30 39.01 -5.01 1.39
C LEU B 30 38.66 -3.54 1.59
N VAL B 31 39.14 -2.66 0.70
CA VAL B 31 38.93 -1.23 0.90
C VAL B 31 37.45 -0.93 1.06
N GLY B 32 36.62 -1.50 0.20
CA GLY B 32 35.19 -1.36 0.38
C GLY B 32 34.66 -2.19 1.52
N GLY B 33 35.31 -3.31 1.81
CA GLY B 33 34.83 -4.19 2.86
C GLY B 33 34.92 -3.59 4.25
N LEU B 34 36.06 -3.02 4.61
CA LEU B 34 36.34 -2.64 5.99
C LEU B 34 36.38 -1.13 6.21
N ILE B 35 36.87 -0.35 5.25
CA ILE B 35 37.02 1.08 5.48
C ILE B 35 35.73 1.82 5.15
N ALA B 36 35.10 1.48 4.03
CA ALA B 36 33.94 2.20 3.56
C ALA B 36 32.72 1.93 4.43
N PRO B 37 31.80 2.89 4.53
CA PRO B 37 30.70 2.77 5.51
C PRO B 37 29.40 2.23 4.93
N GLY B 38 29.41 1.74 3.69
CA GLY B 38 28.19 1.26 3.10
C GLY B 38 27.54 2.31 2.22
N PRO B 39 26.82 1.86 1.18
CA PRO B 39 26.47 2.79 0.10
C PRO B 39 25.51 3.89 0.47
N THR B 40 24.33 3.57 1.01
CA THR B 40 23.26 4.56 1.07
C THR B 40 22.57 4.55 2.43
N THR B 41 22.21 5.74 2.90
CA THR B 41 21.36 5.90 4.06
C THR B 41 19.91 5.92 3.64
N ALA B 42 19.01 5.61 4.57
CA ALA B 42 17.59 5.74 4.28
C ALA B 42 16.89 6.24 5.53
N VAL B 43 16.83 7.56 5.70
CA VAL B 43 16.10 8.14 6.82
C VAL B 43 14.64 8.30 6.44
N SER B 44 13.75 8.13 7.42
CA SER B 44 12.31 8.19 7.19
C SER B 44 11.71 9.30 8.04
N TYR B 45 11.10 10.28 7.39
CA TYR B 45 10.47 11.40 8.09
C TYR B 45 8.95 11.24 8.08
N MET B 46 8.34 11.53 9.22
CA MET B 46 6.90 11.70 9.30
C MET B 46 6.59 13.16 9.02
N SER B 47 5.73 13.44 8.04
CA SER B 47 5.39 14.81 7.75
C SER B 47 4.52 15.40 8.84
N VAL B 48 4.75 16.68 9.14
CA VAL B 48 4.09 17.37 10.25
C VAL B 48 2.99 18.24 9.68
N LYS B 49 1.75 17.99 10.12
CA LYS B 49 0.58 18.60 9.50
C LYS B 49 0.38 20.01 10.04
N CYS B 50 1.10 20.95 9.43
CA CYS B 50 0.93 22.36 9.75
C CYS B 50 -0.44 22.85 9.28
N VAL B 51 -0.89 23.95 9.87
CA VAL B 51 -2.16 24.57 9.51
C VAL B 51 -1.90 25.99 9.03
N ASP B 52 -2.42 26.32 7.86
CA ASP B 52 -2.27 27.66 7.32
C ASP B 52 -3.08 28.66 8.14
N ALA B 53 -2.51 29.83 8.38
CA ALA B 53 -3.13 30.87 9.19
C ALA B 53 -4.16 31.70 8.43
N ARG B 54 -4.42 31.37 7.16
CA ARG B 54 -5.43 32.02 6.34
C ARG B 54 -4.97 33.41 5.89
N LYS B 55 -3.86 33.89 6.46
CA LYS B 55 -3.31 35.17 6.03
C LYS B 55 -2.71 35.07 4.63
N ASN B 56 -2.20 33.90 4.26
CA ASN B 56 -1.48 33.72 3.01
C ASN B 56 -2.41 33.53 1.83
N HIS B 57 -3.23 34.54 1.52
CA HIS B 57 -4.01 34.51 0.29
C HIS B 57 -3.10 34.51 -0.93
N HIS B 58 -2.17 35.46 -0.99
CA HIS B 58 -1.19 35.52 -2.06
C HIS B 58 0.22 35.63 -1.49
N LYS B 59 0.37 36.33 -0.36
CA LYS B 59 1.65 36.42 0.31
C LYS B 59 2.16 35.02 0.66
N THR B 60 3.43 34.78 0.35
CA THR B 60 4.03 33.45 0.46
C THR B 60 4.95 33.39 1.67
N LYS B 61 4.73 32.40 2.52
CA LYS B 61 5.60 32.13 3.66
C LYS B 61 5.73 30.63 3.80
N TRP B 62 6.79 30.20 4.48
CA TRP B 62 7.15 28.80 4.59
C TRP B 62 6.85 28.30 6.00
N PHE B 63 6.41 27.06 6.10
CA PHE B 63 6.04 26.46 7.38
C PHE B 63 7.11 25.46 7.79
N VAL B 64 7.60 25.58 9.03
CA VAL B 64 8.68 24.74 9.55
C VAL B 64 8.11 23.79 10.60
N PRO B 65 8.54 22.52 10.62
CA PRO B 65 7.95 21.58 11.58
C PRO B 65 8.39 21.80 13.01
N TRP B 66 9.62 22.27 13.23
CA TRP B 66 10.16 22.35 14.57
C TRP B 66 11.22 23.45 14.63
N GLY B 67 11.70 23.72 15.84
CA GLY B 67 12.64 24.80 16.06
C GLY B 67 11.92 26.10 16.31
N PRO B 68 12.60 27.21 16.08
CA PRO B 68 11.95 28.51 16.25
C PRO B 68 10.98 28.80 15.11
N ASN B 69 9.91 29.51 15.44
CA ASN B 69 8.85 29.85 14.48
C ASN B 69 8.25 28.59 13.85
N HIS B 70 8.04 27.56 14.66
CA HIS B 70 7.36 26.38 14.16
C HIS B 70 5.89 26.67 13.93
N CYS B 71 5.32 25.97 12.94
CA CYS B 71 3.97 26.25 12.49
C CYS B 71 2.94 25.85 13.54
N ASP B 72 1.75 26.41 13.41
CA ASP B 72 0.60 25.86 14.13
C ASP B 72 0.42 24.42 13.71
N LYS B 73 0.37 23.52 14.69
CA LYS B 73 0.63 22.11 14.44
C LYS B 73 -0.56 21.26 14.87
N ILE B 74 -0.80 20.19 14.11
CA ILE B 74 -1.89 19.25 14.35
C ILE B 74 -1.29 17.86 14.45
N ARG B 75 -1.67 17.10 15.48
CA ARG B 75 -1.14 15.76 15.66
C ARG B 75 -1.97 14.72 14.91
N ASP B 76 -3.24 14.62 15.23
CA ASP B 76 -4.15 13.73 14.53
C ASP B 76 -5.03 14.57 13.62
N ILE B 77 -5.16 14.15 12.36
CA ILE B 77 -5.85 14.97 11.37
C ILE B 77 -7.30 15.19 11.75
N GLU B 78 -7.86 14.33 12.60
CA GLU B 78 -9.24 14.53 13.04
C GLU B 78 -9.38 15.80 13.86
N GLU B 79 -8.29 16.28 14.46
CA GLU B 79 -8.35 17.52 15.23
C GLU B 79 -8.70 18.72 14.36
N ALA B 80 -8.67 18.56 13.04
CA ALA B 80 -9.11 19.63 12.16
C ALA B 80 -10.61 19.93 12.32
N ILE B 81 -11.42 18.89 12.49
CA ILE B 81 -12.87 19.01 12.47
C ILE B 81 -13.43 19.94 13.54
N PRO B 82 -13.12 19.76 14.82
CA PRO B 82 -13.67 20.68 15.82
C PRO B 82 -12.99 22.05 15.86
N ARG B 83 -11.78 22.21 15.34
CA ARG B 83 -11.23 23.52 15.03
C ARG B 83 -11.79 24.09 13.74
N GLU B 84 -12.61 23.31 13.02
CA GLU B 84 -13.19 23.72 11.75
C GLU B 84 -12.12 24.01 10.70
N ILE B 85 -11.01 23.29 10.76
CA ILE B 85 -9.97 23.41 9.75
C ILE B 85 -10.31 22.54 8.55
N GLU B 86 -10.02 23.04 7.36
CA GLU B 86 -10.43 22.40 6.11
C GLU B 86 -9.22 22.12 5.24
N ALA B 87 -9.44 21.37 4.17
CA ALA B 87 -8.39 21.17 3.19
C ALA B 87 -8.01 22.50 2.55
N ASN B 88 -6.91 22.47 1.80
CA ASN B 88 -6.27 23.66 1.22
C ASN B 88 -5.60 24.49 2.31
N ASP B 89 -5.79 24.10 3.57
CA ASP B 89 -5.15 24.79 4.67
C ASP B 89 -4.15 23.92 5.41
N ILE B 90 -4.28 22.60 5.32
CA ILE B 90 -3.33 21.69 5.93
C ILE B 90 -2.17 21.47 4.96
N VAL B 91 -0.96 21.77 5.41
CA VAL B 91 0.24 21.60 4.61
C VAL B 91 1.16 20.62 5.32
N PHE B 92 1.65 19.63 4.59
CA PHE B 92 2.46 18.56 5.17
C PHE B 92 3.92 18.98 5.07
N SER B 93 4.38 19.74 6.05
CA SER B 93 5.72 20.29 6.00
C SER B 93 6.75 19.28 6.49
N VAL B 94 7.91 19.26 5.84
CA VAL B 94 8.99 18.33 6.15
C VAL B 94 10.31 19.08 6.12
N HIS B 95 11.16 18.85 7.11
CA HIS B 95 12.49 19.45 7.19
C HIS B 95 13.50 18.33 6.97
N ILE B 96 14.34 18.48 5.95
CA ILE B 96 15.07 17.33 5.39
C ILE B 96 16.15 16.80 6.32
N PRO B 97 17.12 17.59 6.81
CA PRO B 97 18.05 17.03 7.79
C PRO B 97 17.38 16.97 9.16
N LEU B 98 17.32 15.76 9.72
CA LEU B 98 16.70 15.58 11.03
C LEU B 98 17.38 16.49 12.06
N PRO B 99 16.76 16.73 13.21
CA PRO B 99 17.23 17.81 14.10
C PRO B 99 18.69 17.66 14.50
N HIS B 100 19.37 18.80 14.57
CA HIS B 100 20.77 18.87 14.97
C HIS B 100 21.68 18.10 14.01
N MET B 101 21.40 18.21 12.71
CA MET B 101 22.23 17.61 11.68
C MET B 101 22.36 18.58 10.52
N GLU B 102 23.20 18.21 9.55
CA GLU B 102 23.37 18.98 8.33
C GLU B 102 23.52 18.03 7.16
N MET B 103 23.26 18.55 5.96
CA MET B 103 23.60 17.85 4.74
C MET B 103 24.79 18.52 4.08
N SER B 104 25.72 17.71 3.60
CA SER B 104 26.99 18.19 3.07
C SER B 104 27.16 17.65 1.65
N PRO B 105 27.84 18.40 0.78
CA PRO B 105 27.91 17.99 -0.63
C PRO B 105 28.46 16.58 -0.86
N TRP B 106 29.00 15.93 0.17
CA TRP B 106 29.49 14.57 -0.03
C TRP B 106 28.35 13.57 -0.21
N PHE B 107 27.12 13.92 0.18
CA PHE B 107 25.93 13.12 -0.11
C PHE B 107 25.52 13.43 -1.54
N GLN B 108 26.16 12.74 -2.48
CA GLN B 108 26.18 13.19 -3.88
C GLN B 108 24.80 13.33 -4.51
N PHE B 109 23.73 12.82 -3.89
CA PHE B 109 22.41 13.01 -4.47
C PHE B 109 21.35 12.81 -3.39
N MET B 110 20.13 13.22 -3.69
CA MET B 110 18.98 12.96 -2.84
C MET B 110 17.88 12.27 -3.65
N LEU B 111 17.42 11.14 -3.15
CA LEU B 111 16.15 10.58 -3.56
C LEU B 111 15.11 10.89 -2.49
N PHE B 112 13.88 11.10 -2.92
CA PHE B 112 12.76 11.15 -1.99
C PHE B 112 11.62 10.38 -2.62
N ILE B 113 11.00 9.50 -1.84
CA ILE B 113 9.84 8.78 -2.32
C ILE B 113 8.76 8.82 -1.26
N LEU B 114 7.52 8.98 -1.70
CA LEU B 114 6.37 9.11 -0.83
C LEU B 114 5.73 7.77 -0.57
N GLN B 115 5.03 7.69 0.56
CA GLN B 115 4.07 6.65 0.80
C GLN B 115 2.98 7.23 1.68
N LEU B 116 1.74 6.87 1.39
CA LEU B 116 0.58 7.53 1.96
C LEU B 116 -0.11 6.59 2.94
N ASP B 117 -0.54 7.14 4.07
CA ASP B 117 -1.33 6.38 5.04
C ASP B 117 -2.81 6.68 4.84
N ILE B 118 -3.36 6.10 3.78
CA ILE B 118 -4.77 6.28 3.47
C ILE B 118 -5.59 5.33 4.32
N ALA B 119 -6.65 5.84 4.94
CA ALA B 119 -7.48 5.05 5.84
C ALA B 119 -8.79 4.66 5.16
N PHE B 120 -9.11 3.37 5.21
CA PHE B 120 -10.37 2.89 4.64
C PHE B 120 -11.54 3.42 5.45
N LYS B 121 -12.57 3.88 4.75
CA LYS B 121 -13.84 4.21 5.37
C LYS B 121 -14.93 3.94 4.34
N LEU B 122 -16.01 3.29 4.78
CA LEU B 122 -17.01 2.78 3.83
C LEU B 122 -17.52 3.87 2.91
N ASN B 123 -17.73 5.07 3.44
CA ASN B 123 -18.30 6.14 2.64
C ASN B 123 -17.26 6.94 1.87
N ASN B 124 -15.98 6.61 1.98
CA ASN B 124 -14.93 7.39 1.34
C ASN B 124 -13.86 6.49 0.74
N GLN B 125 -14.27 5.44 0.04
CA GLN B 125 -13.32 4.53 -0.59
C GLN B 125 -12.58 5.23 -1.72
N ILE B 126 -11.38 4.73 -2.01
CA ILE B 126 -10.62 5.25 -3.15
C ILE B 126 -11.36 4.92 -4.44
N ARG B 127 -11.47 5.92 -5.31
CA ARG B 127 -12.04 5.67 -6.62
C ARG B 127 -11.10 4.81 -7.46
N GLU B 128 -11.65 4.20 -8.51
CA GLU B 128 -10.93 3.17 -9.25
C GLU B 128 -9.69 3.70 -9.95
N ASN B 129 -9.69 4.97 -10.34
CA ASN B 129 -8.55 5.58 -11.03
C ASN B 129 -8.14 6.88 -10.36
N ALA B 130 -8.13 6.89 -9.03
CA ALA B 130 -7.85 8.11 -8.30
C ALA B 130 -6.40 8.56 -8.51
N GLU B 131 -6.20 9.88 -8.50
CA GLU B 131 -4.86 10.46 -8.61
C GLU B 131 -4.71 11.56 -7.57
N VAL B 132 -3.52 11.64 -6.97
CA VAL B 132 -3.20 12.71 -6.03
C VAL B 132 -2.51 13.83 -6.78
N SER B 133 -2.90 15.07 -6.50
CA SER B 133 -2.35 16.24 -7.19
C SER B 133 -1.70 17.16 -6.16
N MET B 134 -0.47 16.85 -5.79
CA MET B 134 0.24 17.61 -4.78
C MET B 134 0.66 18.96 -5.32
N ASP B 135 0.57 19.99 -4.49
CA ASP B 135 1.09 21.32 -4.83
C ASP B 135 2.42 21.54 -4.10
N VAL B 136 3.41 20.76 -4.50
CA VAL B 136 4.69 20.72 -3.79
C VAL B 136 5.47 22.01 -4.00
N SER B 137 6.18 22.43 -2.96
CA SER B 137 7.17 23.50 -3.07
C SER B 137 8.31 23.19 -2.13
N LEU B 138 9.53 23.56 -2.52
CA LEU B 138 10.72 23.21 -1.79
C LEU B 138 11.65 24.41 -1.71
N ALA B 139 12.42 24.52 -0.64
CA ALA B 139 13.34 25.62 -0.48
C ALA B 139 14.60 25.17 0.24
N TYR B 140 15.62 26.01 0.15
CA TYR B 140 16.90 25.73 0.80
C TYR B 140 17.36 26.94 1.62
N ARG B 141 18.23 26.64 2.57
CA ARG B 141 18.81 27.65 3.45
C ARG B 141 20.23 27.20 3.77
N ASP B 142 21.11 28.15 4.09
CA ASP B 142 22.50 27.82 4.36
C ASP B 142 22.96 28.07 5.78
N ASP B 143 22.17 28.76 6.62
CA ASP B 143 22.57 28.94 8.01
C ASP B 143 21.33 29.15 8.86
N ALA B 144 21.43 28.73 10.13
CA ALA B 144 20.25 28.50 10.97
C ALA B 144 19.39 29.74 11.20
N PHE B 145 19.71 30.88 10.59
CA PHE B 145 18.92 32.08 10.79
C PHE B 145 18.54 32.84 9.52
N ALA B 146 19.04 32.42 8.35
CA ALA B 146 18.66 33.09 7.12
C ALA B 146 17.27 32.64 6.66
N GLU B 147 16.65 33.47 5.82
CA GLU B 147 15.33 33.14 5.30
C GLU B 147 15.42 32.01 4.29
N TRP B 148 14.32 31.27 4.16
CA TRP B 148 14.21 30.29 3.10
C TRP B 148 14.07 30.97 1.75
N THR B 149 14.77 30.45 0.75
CA THR B 149 14.65 30.91 -0.63
C THR B 149 14.23 29.74 -1.52
N GLU B 150 13.23 29.98 -2.36
CA GLU B 150 12.57 28.91 -3.09
C GLU B 150 13.49 28.26 -4.11
N MET B 151 13.40 26.93 -4.21
CA MET B 151 14.08 26.16 -5.24
C MET B 151 13.15 25.66 -6.32
N ALA B 152 11.99 25.12 -5.95
CA ALA B 152 11.06 24.58 -6.93
C ALA B 152 9.65 24.75 -6.39
N HIS B 153 8.69 24.77 -7.31
CA HIS B 153 7.28 24.90 -6.94
C HIS B 153 6.47 24.33 -8.09
N GLU B 154 6.00 23.09 -7.96
CA GLU B 154 5.46 22.38 -9.12
C GLU B 154 4.32 21.47 -8.69
N ARG B 155 3.34 21.34 -9.57
CA ARG B 155 2.36 20.27 -9.42
C ARG B 155 3.05 18.94 -9.60
N VAL B 156 2.64 17.96 -8.79
CA VAL B 156 3.21 16.62 -8.89
C VAL B 156 2.08 15.59 -8.86
N PRO B 157 1.41 15.33 -9.98
CA PRO B 157 0.37 14.29 -9.98
C PRO B 157 0.98 12.91 -9.92
N ARG B 158 0.30 12.01 -9.21
CA ARG B 158 0.71 10.63 -9.07
C ARG B 158 -0.53 9.75 -9.03
N LYS B 159 -0.36 8.49 -9.42
CA LYS B 159 -1.46 7.53 -9.43
C LYS B 159 -1.40 6.66 -8.18
N LEU B 160 -2.56 6.42 -7.58
CA LEU B 160 -2.65 5.63 -6.36
C LEU B 160 -2.79 4.15 -6.72
N LYS B 161 -1.73 3.39 -6.50
CA LYS B 161 -1.78 1.93 -6.59
C LYS B 161 -1.96 1.39 -5.18
N CYS B 162 -3.22 1.28 -4.75
CA CYS B 162 -3.54 0.88 -3.39
C CYS B 162 -4.56 -0.24 -3.39
N THR B 163 -4.38 -1.21 -2.50
CA THR B 163 -5.27 -2.35 -2.36
C THR B 163 -5.59 -2.55 -0.89
N PHE B 164 -6.72 -3.19 -0.62
CA PHE B 164 -7.17 -3.44 0.74
C PHE B 164 -7.25 -4.95 0.95
N THR B 165 -6.55 -5.45 1.97
CA THR B 165 -6.47 -6.88 2.21
C THR B 165 -7.58 -7.40 3.12
N SER B 166 -7.99 -6.62 4.10
CA SER B 166 -9.10 -7.00 4.95
C SER B 166 -10.41 -6.94 4.16
N PRO B 167 -11.41 -7.73 4.54
CA PRO B 167 -12.71 -7.59 3.89
C PRO B 167 -13.30 -6.21 4.13
N LYS B 168 -13.96 -5.68 3.09
CA LYS B 168 -14.48 -4.31 3.12
C LYS B 168 -15.76 -4.29 3.97
N THR B 169 -15.55 -4.37 5.28
CA THR B 169 -16.60 -4.44 6.27
C THR B 169 -16.44 -3.31 7.28
N PRO B 170 -17.53 -2.71 7.76
CA PRO B 170 -17.40 -1.62 8.75
C PRO B 170 -16.72 -2.05 10.04
N GLU B 171 -16.53 -3.35 10.27
CA GLU B 171 -15.76 -3.80 11.41
C GLU B 171 -14.30 -3.39 11.31
N HIS B 172 -13.80 -3.12 10.09
CA HIS B 172 -12.39 -2.84 9.87
C HIS B 172 -12.15 -1.41 9.37
N GLU B 173 -13.03 -0.48 9.70
CA GLU B 173 -12.80 0.92 9.34
C GLU B 173 -11.60 1.47 10.09
N GLY B 174 -10.86 2.36 9.43
CA GLY B 174 -9.66 2.94 10.00
C GLY B 174 -8.37 2.22 9.67
N ARG B 175 -8.44 0.98 9.22
CA ARG B 175 -7.24 0.26 8.80
C ARG B 175 -6.69 0.87 7.52
N TYR B 176 -5.37 0.92 7.40
CA TYR B 176 -4.74 1.57 6.27
C TYR B 176 -4.73 0.67 5.03
N TYR B 177 -4.80 1.30 3.87
CA TYR B 177 -4.54 0.61 2.62
C TYR B 177 -3.06 0.29 2.51
N GLU B 178 -2.73 -0.74 1.72
CA GLU B 178 -1.33 -1.09 1.47
C GLU B 178 -0.85 -0.42 0.18
N CYS B 179 -0.66 0.90 0.28
CA CYS B 179 -0.27 1.68 -0.87
C CYS B 179 1.21 1.51 -1.20
N ASP B 180 1.52 1.47 -2.49
CA ASP B 180 2.91 1.33 -2.93
C ASP B 180 3.65 2.66 -2.82
N VAL B 181 4.97 2.57 -2.84
CA VAL B 181 5.84 3.74 -2.68
C VAL B 181 5.93 4.52 -3.99
N LEU B 182 5.19 5.60 -4.09
CA LEU B 182 5.20 6.43 -5.28
C LEU B 182 6.44 7.30 -5.33
N PRO B 183 7.21 7.28 -6.42
CA PRO B 183 8.42 8.11 -6.48
C PRO B 183 8.09 9.59 -6.57
N PHE B 184 8.95 10.40 -5.95
CA PHE B 184 8.65 11.81 -5.74
C PHE B 184 9.65 12.76 -6.35
N MET B 185 10.95 12.57 -6.12
CA MET B 185 11.92 13.60 -6.46
C MET B 185 13.33 13.03 -6.46
N GLU B 186 14.18 13.60 -7.32
CA GLU B 186 15.60 13.28 -7.34
C GLU B 186 16.39 14.54 -7.64
N ILE B 187 17.50 14.74 -6.94
CA ILE B 187 18.37 15.88 -7.15
C ILE B 187 19.79 15.36 -7.33
N GLY B 188 20.46 15.83 -8.36
CA GLY B 188 21.77 15.29 -8.71
C GLY B 188 22.92 15.74 -7.85
N SER B 189 22.72 16.74 -6.98
CA SER B 189 23.80 17.13 -6.07
C SER B 189 23.27 18.00 -4.95
N VAL B 190 23.52 17.60 -3.71
CA VAL B 190 23.23 18.48 -2.59
C VAL B 190 24.33 19.53 -2.52
N ALA B 191 23.93 20.79 -2.46
CA ALA B 191 24.89 21.87 -2.39
C ALA B 191 24.55 22.86 -1.29
N HIS B 192 23.53 22.59 -0.50
CA HIS B 192 23.11 23.49 0.55
C HIS B 192 22.78 22.69 1.81
N LYS B 193 22.90 23.35 2.95
CA LYS B 193 22.93 22.64 4.22
C LYS B 193 21.56 22.13 4.65
N PHE B 194 20.50 22.87 4.41
CA PHE B 194 19.18 22.47 4.85
C PHE B 194 18.17 22.63 3.72
N TYR B 195 17.23 21.70 3.63
CA TYR B 195 16.13 21.79 2.68
C TYR B 195 14.81 21.64 3.42
N LEU B 196 13.89 22.56 3.15
CA LEU B 196 12.54 22.52 3.68
C LEU B 196 11.60 22.17 2.54
N LEU B 197 10.59 21.35 2.83
CA LEU B 197 9.69 20.85 1.80
C LEU B 197 8.26 20.95 2.29
N ASN B 198 7.40 21.56 1.47
CA ASN B 198 5.99 21.69 1.79
C ASN B 198 5.16 20.92 0.78
N ILE B 199 4.27 20.07 1.26
CA ILE B 199 3.33 19.34 0.43
C ILE B 199 1.94 19.80 0.81
N ARG B 200 1.16 20.19 -0.18
CA ARG B 200 -0.23 20.56 0.01
C ARG B 200 -1.09 19.71 -0.91
N LEU B 201 -2.33 19.47 -0.53
CA LEU B 201 -3.27 18.71 -1.35
C LEU B 201 -4.54 19.54 -1.55
N PRO B 202 -4.49 20.53 -2.43
CA PRO B 202 -5.70 21.31 -2.70
C PRO B 202 -6.77 20.44 -3.31
N VAL B 203 -8.02 20.77 -3.04
CA VAL B 203 -9.15 19.96 -3.47
C VAL B 203 -10.16 20.85 -4.17
N ASN B 204 -10.78 20.33 -5.22
CA ASN B 204 -11.83 21.03 -5.95
C ASN B 204 -12.80 19.99 -6.49
N GLU B 205 -14.06 20.05 -6.06
CA GLU B 205 -15.03 19.01 -6.44
C GLU B 205 -15.30 19.00 -7.93
N LYS B 206 -15.46 20.17 -8.54
CA LYS B 206 -15.82 20.22 -9.96
C LYS B 206 -14.66 19.73 -10.83
N LYS B 207 -13.44 20.20 -10.55
CA LYS B 207 -12.29 19.74 -11.31
C LYS B 207 -11.88 18.31 -10.94
N LYS B 208 -12.34 17.82 -9.80
CA LYS B 208 -11.99 16.50 -9.29
C LYS B 208 -10.50 16.34 -9.04
N ILE B 209 -9.81 17.42 -8.70
CA ILE B 209 -8.42 17.31 -8.27
C ILE B 209 -8.39 16.89 -6.80
N ASN B 210 -7.72 15.78 -6.53
CA ASN B 210 -7.61 15.23 -5.17
C ASN B 210 -8.98 14.99 -4.55
N VAL B 211 -9.91 14.45 -5.32
CA VAL B 211 -11.23 14.09 -4.83
C VAL B 211 -11.37 12.57 -4.89
N GLY B 212 -11.79 11.97 -3.79
CA GLY B 212 -11.95 10.52 -3.77
C GLY B 212 -10.67 9.74 -3.69
N ILE B 213 -9.62 10.32 -3.10
CA ILE B 213 -8.37 9.59 -2.91
C ILE B 213 -8.40 8.88 -1.57
N GLY B 214 -9.56 8.83 -0.94
CA GLY B 214 -9.67 8.26 0.38
C GLY B 214 -9.39 9.31 1.44
N GLU B 215 -9.21 8.83 2.68
CA GLU B 215 -8.88 9.70 3.80
C GLU B 215 -7.41 9.48 4.16
N ILE B 216 -6.62 10.54 4.06
CA ILE B 216 -5.19 10.46 4.35
C ILE B 216 -4.96 10.88 5.79
N LYS B 217 -4.36 9.99 6.57
CA LYS B 217 -4.00 10.32 7.95
C LYS B 217 -2.62 10.95 8.05
N ASP B 218 -1.64 10.44 7.32
CA ASP B 218 -0.29 10.96 7.41
C ASP B 218 0.46 10.70 6.12
N ILE B 219 1.47 11.52 5.88
CA ILE B 219 2.34 11.41 4.71
C ILE B 219 3.74 11.10 5.19
N ARG B 220 4.30 9.99 4.72
CA ARG B 220 5.64 9.55 5.10
C ARG B 220 6.59 9.76 3.94
N LEU B 221 7.74 10.34 4.22
CA LEU B 221 8.69 10.71 3.18
C LEU B 221 10.05 10.14 3.54
N VAL B 222 10.66 9.42 2.60
CA VAL B 222 11.91 8.70 2.84
C VAL B 222 13.01 9.35 2.01
N GLY B 223 14.06 9.80 2.69
CA GLY B 223 15.16 10.47 2.03
C GLY B 223 16.35 9.57 1.90
N ILE B 224 16.77 9.34 0.66
CA ILE B 224 17.87 8.43 0.34
C ILE B 224 19.03 9.24 -0.21
N HIS B 225 20.24 8.96 0.26
CA HIS B 225 21.42 9.65 -0.25
C HIS B 225 22.61 8.71 -0.15
N GLN B 226 23.60 8.96 -1.01
CA GLN B 226 24.85 8.21 -0.95
C GLN B 226 25.62 8.59 0.30
N ASN B 227 26.08 7.57 1.04
CA ASN B 227 26.58 7.80 2.38
C ASN B 227 27.87 8.60 2.36
N GLY B 228 28.04 9.47 3.34
CA GLY B 228 29.06 10.50 3.26
C GLY B 228 30.48 9.96 3.20
N GLY B 229 30.75 8.84 3.88
CA GLY B 229 32.08 8.28 3.84
C GLY B 229 32.35 7.44 2.62
N PHE B 230 31.31 6.87 2.03
CA PHE B 230 31.51 6.05 0.84
C PHE B 230 32.03 6.89 -0.31
N THR B 231 31.53 8.12 -0.45
CA THR B 231 32.04 8.99 -1.52
C THR B 231 33.50 9.32 -1.31
N LYS B 232 33.92 9.55 -0.07
CA LYS B 232 35.33 9.83 0.16
C LYS B 232 36.19 8.62 -0.14
N VAL B 233 35.72 7.41 0.22
CA VAL B 233 36.47 6.20 -0.14
C VAL B 233 36.55 6.06 -1.66
N TRP B 234 35.44 6.31 -2.34
CA TRP B 234 35.41 6.21 -3.80
C TRP B 234 36.41 7.16 -4.43
N PHE B 235 36.43 8.41 -3.98
CA PHE B 235 37.38 9.37 -4.54
C PHE B 235 38.81 9.02 -4.18
N ALA B 236 39.05 8.47 -2.99
CA ALA B 236 40.40 8.03 -2.65
C ALA B 236 40.85 6.91 -3.57
N MET B 237 39.92 6.06 -4.01
CA MET B 237 40.27 5.04 -4.98
C MET B 237 40.53 5.61 -6.36
N LYS B 238 39.69 6.55 -6.79
CA LYS B 238 39.86 7.10 -8.14
C LYS B 238 41.14 7.91 -8.26
N THR B 239 41.52 8.63 -7.20
CA THR B 239 42.79 9.36 -7.22
C THR B 239 43.98 8.43 -7.22
N PHE B 240 43.79 7.14 -6.91
CA PHE B 240 44.87 6.17 -7.07
C PHE B 240 44.87 5.55 -8.46
N LEU B 241 43.68 5.26 -9.00
CA LEU B 241 43.62 4.61 -10.31
C LEU B 241 44.00 5.56 -11.44
N THR B 242 43.72 6.85 -11.31
CA THR B 242 43.97 7.76 -12.43
C THR B 242 45.44 7.80 -12.85
N PRO B 243 46.42 8.05 -11.97
CA PRO B 243 47.81 8.06 -12.43
C PRO B 243 48.26 6.72 -12.98
N SER B 244 47.79 5.62 -12.40
CA SER B 244 48.18 4.30 -12.88
C SER B 244 47.72 4.09 -14.31
N ILE B 245 46.46 4.41 -14.59
CA ILE B 245 45.94 4.23 -15.94
C ILE B 245 46.60 5.20 -16.91
N PHE B 246 46.97 6.40 -16.44
CA PHE B 246 47.69 7.28 -17.35
C PHE B 246 49.07 6.73 -17.70
N ILE B 247 49.75 6.14 -16.72
CA ILE B 247 51.04 5.50 -17.01
C ILE B 247 50.85 4.40 -18.04
N ILE B 248 49.84 3.54 -17.83
CA ILE B 248 49.64 2.41 -18.74
C ILE B 248 49.25 2.91 -20.13
N MET B 249 48.41 3.95 -20.21
CA MET B 249 48.02 4.52 -21.49
C MET B 249 49.23 5.07 -22.24
N VAL B 250 50.08 5.85 -21.57
CA VAL B 250 51.20 6.42 -22.31
C VAL B 250 52.17 5.33 -22.73
N TRP B 251 52.35 4.32 -21.89
CA TRP B 251 53.22 3.20 -22.27
C TRP B 251 52.65 2.45 -23.47
N TYR B 252 51.35 2.19 -23.48
CA TYR B 252 50.73 1.48 -24.58
C TYR B 252 50.78 2.29 -25.86
N TRP B 253 50.54 3.60 -25.76
CA TRP B 253 50.57 4.45 -26.95
C TRP B 253 51.98 4.49 -27.54
N ARG B 254 53.00 4.61 -26.69
CA ARG B 254 54.37 4.56 -27.19
C ARG B 254 54.67 3.22 -27.85
N ARG B 255 54.27 2.13 -27.19
CA ARG B 255 54.57 0.81 -27.74
C ARG B 255 53.80 0.53 -29.03
N ILE B 256 52.67 1.20 -29.23
CA ILE B 256 51.90 1.04 -30.46
C ILE B 256 52.50 1.88 -31.59
N THR B 257 52.80 3.14 -31.30
CA THR B 257 53.35 4.00 -32.34
C THR B 257 54.74 3.56 -32.78
N MET B 258 55.55 3.04 -31.87
CA MET B 258 56.93 2.68 -32.17
C MET B 258 56.99 1.31 -32.84
N MET B 259 56.41 1.24 -34.04
CA MET B 259 56.41 0.03 -34.84
C MET B 259 56.51 0.40 -36.31
N SER B 260 57.02 -0.53 -37.11
CA SER B 260 57.06 -0.32 -38.56
C SER B 260 55.66 -0.37 -39.15
N ARG B 261 54.85 -1.34 -38.74
CA ARG B 261 53.48 -1.47 -39.22
C ARG B 261 52.55 -0.56 -38.43
N PRO B 262 51.43 -0.17 -39.04
CA PRO B 262 50.40 0.56 -38.29
C PRO B 262 49.63 -0.38 -37.39
N PRO B 263 49.00 0.14 -36.34
CA PRO B 263 48.28 -0.74 -35.41
C PRO B 263 47.13 -1.47 -36.09
N VAL B 264 46.91 -2.71 -35.67
CA VAL B 264 45.77 -3.48 -36.17
C VAL B 264 44.52 -3.08 -35.39
N LEU B 265 43.36 -3.51 -35.89
CA LEU B 265 42.10 -3.08 -35.31
C LEU B 265 41.97 -3.48 -33.85
N LEU B 266 42.49 -4.66 -33.50
CA LEU B 266 42.43 -5.12 -32.11
C LEU B 266 43.14 -4.14 -31.19
N GLU B 267 44.31 -3.65 -31.60
CA GLU B 267 45.03 -2.69 -30.78
C GLU B 267 44.28 -1.37 -30.67
N LYS B 268 43.65 -0.92 -31.76
CA LYS B 268 42.87 0.31 -31.70
C LYS B 268 41.70 0.17 -30.73
N VAL B 269 40.99 -0.95 -30.77
CA VAL B 269 39.84 -1.09 -29.87
C VAL B 269 40.30 -1.27 -28.43
N ILE B 270 41.45 -1.91 -28.21
CA ILE B 270 42.01 -1.97 -26.85
C ILE B 270 42.29 -0.56 -26.34
N PHE B 271 42.90 0.27 -27.18
CA PHE B 271 43.18 1.64 -26.76
C PHE B 271 41.90 2.43 -26.54
N ALA B 272 40.88 2.19 -27.36
CA ALA B 272 39.61 2.89 -27.17
C ALA B 272 38.95 2.48 -25.86
N LEU B 273 39.02 1.19 -25.52
CA LEU B 273 38.54 0.73 -24.22
C LEU B 273 39.31 1.41 -23.09
N GLY B 274 40.62 1.58 -23.29
CA GLY B 274 41.40 2.28 -22.30
C GLY B 274 40.98 3.73 -22.13
N ILE B 275 40.71 4.41 -23.23
CA ILE B 275 40.24 5.80 -23.14
C ILE B 275 38.90 5.85 -22.42
N SER B 276 38.02 4.91 -22.74
CA SER B 276 36.71 4.90 -22.09
C SER B 276 36.86 4.70 -20.59
N MET B 277 37.77 3.83 -20.16
CA MET B 277 37.91 3.61 -18.73
C MET B 277 38.63 4.75 -18.03
N THR B 278 39.66 5.34 -18.66
CA THR B 278 40.30 6.50 -18.05
C THR B 278 39.36 7.69 -18.04
N PHE B 279 38.30 7.65 -18.84
CA PHE B 279 37.23 8.62 -18.70
C PHE B 279 36.50 8.42 -17.37
N ILE B 280 36.29 7.17 -16.97
CA ILE B 280 35.62 6.89 -15.71
C ILE B 280 36.53 7.18 -14.52
N ASN B 281 37.83 6.87 -14.63
CA ASN B 281 38.72 7.06 -13.50
C ASN B 281 38.93 8.52 -13.14
N ILE B 282 38.89 9.41 -14.12
CA ILE B 282 39.16 10.82 -13.82
C ILE B 282 38.09 11.29 -12.83
N PRO B 283 38.48 11.70 -11.65
CA PRO B 283 37.52 12.01 -10.58
C PRO B 283 36.91 13.40 -10.70
N VAL B 284 36.26 13.66 -11.84
CA VAL B 284 35.62 14.96 -12.03
C VAL B 284 34.46 15.13 -11.07
N GLU B 285 34.01 14.06 -10.43
CA GLU B 285 33.02 14.20 -9.37
C GLU B 285 33.57 15.02 -8.20
N TRP B 286 34.89 15.04 -8.03
CA TRP B 286 35.49 15.78 -6.94
C TRP B 286 35.37 17.29 -7.13
N PHE B 287 34.94 17.75 -8.30
CA PHE B 287 34.56 19.14 -8.46
C PHE B 287 33.14 19.40 -7.95
N SER B 288 32.30 18.37 -7.92
CA SER B 288 30.91 18.55 -7.53
C SER B 288 30.75 18.86 -6.04
N ILE B 289 31.77 18.63 -5.21
CA ILE B 289 31.65 18.98 -3.80
C ILE B 289 31.72 20.48 -3.59
N GLY B 290 32.26 21.23 -4.53
CA GLY B 290 32.31 22.67 -4.40
C GLY B 290 31.15 23.37 -5.08
N PHE B 291 30.92 23.05 -6.34
CA PHE B 291 29.94 23.76 -7.14
C PHE B 291 28.57 23.10 -7.07
N ASP B 292 27.55 23.86 -7.46
CA ASP B 292 26.17 23.38 -7.49
C ASP B 292 25.84 22.92 -8.90
N TRP B 293 26.23 21.68 -9.20
CA TRP B 293 26.00 21.08 -10.51
C TRP B 293 24.94 19.98 -10.35
N THR B 294 23.75 20.23 -10.87
CA THR B 294 22.67 19.26 -10.81
C THR B 294 22.82 18.14 -11.84
N TRP B 295 23.54 18.40 -12.93
CA TRP B 295 23.64 17.42 -14.01
C TRP B 295 24.65 16.31 -13.73
N MET B 296 25.18 16.21 -12.52
CA MET B 296 26.23 15.23 -12.24
C MET B 296 25.74 13.80 -12.47
N LEU B 297 24.52 13.48 -12.07
CA LEU B 297 24.04 12.11 -12.18
C LEU B 297 23.91 11.67 -13.63
N LEU B 298 23.34 12.52 -14.48
CA LEU B 298 23.23 12.17 -15.89
C LEU B 298 24.60 11.97 -16.53
N PHE B 299 25.55 12.85 -16.22
CA PHE B 299 26.88 12.71 -16.78
C PHE B 299 27.53 11.42 -16.31
N GLY B 300 27.37 11.08 -15.04
CA GLY B 300 27.89 9.81 -14.56
C GLY B 300 27.28 8.63 -15.27
N ASP B 301 25.97 8.68 -15.50
CA ASP B 301 25.30 7.56 -16.18
C ASP B 301 25.79 7.41 -17.61
N ILE B 302 25.96 8.51 -18.34
CA ILE B 302 26.49 8.43 -19.69
C ILE B 302 27.94 7.95 -19.68
N ARG B 303 28.71 8.38 -18.68
CA ARG B 303 30.09 7.96 -18.58
C ARG B 303 30.22 6.47 -18.32
N GLN B 304 29.29 5.89 -17.57
CA GLN B 304 29.29 4.44 -17.36
C GLN B 304 28.80 3.69 -18.59
N GLY B 305 27.77 4.23 -19.25
CA GLY B 305 27.26 3.58 -20.44
C GLY B 305 28.27 3.53 -21.56
N ILE B 306 29.10 4.57 -21.68
CA ILE B 306 30.15 4.56 -22.68
C ILE B 306 31.17 3.45 -22.44
N PHE B 307 31.38 3.06 -21.18
CA PHE B 307 32.25 1.91 -20.93
C PHE B 307 31.57 0.59 -21.23
N TYR B 308 30.29 0.44 -20.85
CA TYR B 308 29.61 -0.81 -21.18
C TYR B 308 29.53 -1.03 -22.69
N ALA B 309 29.13 0.00 -23.43
CA ALA B 309 29.01 -0.12 -24.87
C ALA B 309 30.35 -0.19 -25.57
N MET B 310 31.44 0.06 -24.87
CA MET B 310 32.76 -0.14 -25.45
C MET B 310 33.27 -1.54 -25.18
N LEU B 311 33.08 -2.03 -23.95
CA LEU B 311 33.53 -3.38 -23.60
C LEU B 311 32.76 -4.44 -24.38
N LEU B 312 31.43 -4.28 -24.48
CA LEU B 312 30.64 -5.26 -25.23
C LEU B 312 31.04 -5.29 -26.70
N SER B 313 31.49 -4.17 -27.24
CA SER B 313 32.00 -4.18 -28.61
C SER B 313 33.40 -4.77 -28.67
N PHE B 314 34.20 -4.57 -27.62
CA PHE B 314 35.55 -5.11 -27.60
C PHE B 314 35.53 -6.64 -27.66
N TRP B 315 34.62 -7.26 -26.93
CA TRP B 315 34.57 -8.73 -26.97
C TRP B 315 34.31 -9.24 -28.39
N ILE B 316 33.36 -8.62 -29.09
CA ILE B 316 33.06 -9.04 -30.46
C ILE B 316 34.24 -8.78 -31.37
N ILE B 317 34.86 -7.61 -31.26
CA ILE B 317 36.00 -7.31 -32.12
C ILE B 317 37.14 -8.29 -31.87
N PHE B 318 37.32 -8.68 -30.61
CA PHE B 318 38.36 -9.66 -30.27
C PHE B 318 38.05 -11.01 -30.89
N CYS B 319 36.81 -11.47 -30.76
CA CYS B 319 36.44 -12.77 -31.34
C CYS B 319 36.53 -12.74 -32.86
N GLY B 320 36.12 -11.64 -33.48
CA GLY B 320 36.21 -11.53 -34.92
C GLY B 320 37.65 -11.51 -35.41
N GLU B 321 38.52 -10.81 -34.69
CA GLU B 321 39.91 -10.71 -35.14
C GLU B 321 40.70 -11.96 -34.90
N HIS B 322 40.08 -13.07 -34.50
CA HIS B 322 40.78 -14.34 -34.38
C HIS B 322 40.17 -15.42 -35.27
N MET B 323 39.40 -15.05 -36.28
CA MET B 323 39.06 -16.00 -37.34
C MET B 323 40.31 -16.30 -38.14
N MET B 324 40.75 -17.56 -38.12
CA MET B 324 42.08 -17.90 -38.59
C MET B 324 42.26 -17.75 -40.09
N ASP B 325 41.19 -17.87 -40.89
CA ASP B 325 41.40 -17.99 -42.33
C ASP B 325 40.32 -17.23 -43.10
N GLN B 326 40.65 -16.97 -44.36
CA GLN B 326 39.74 -16.47 -45.39
C GLN B 326 39.31 -15.02 -45.20
N HIS B 327 39.63 -14.38 -44.08
CA HIS B 327 39.28 -12.98 -43.93
C HIS B 327 40.54 -12.15 -43.81
N GLU B 328 41.27 -12.25 -42.70
CA GLU B 328 42.50 -11.50 -42.44
C GLU B 328 42.38 -10.00 -42.71
N ARG B 329 41.15 -9.50 -42.84
CA ARG B 329 40.94 -8.07 -43.05
C ARG B 329 40.88 -7.34 -41.72
N ASN B 330 41.31 -6.08 -41.72
CA ASN B 330 41.41 -5.29 -40.50
C ASN B 330 40.41 -4.14 -40.42
N HIS B 331 39.77 -3.77 -41.53
CA HIS B 331 38.94 -2.58 -41.54
C HIS B 331 37.72 -2.76 -40.65
N ILE B 332 37.33 -1.68 -39.97
CA ILE B 332 36.25 -1.74 -38.99
C ILE B 332 34.91 -2.02 -39.64
N ALA B 333 34.71 -1.58 -40.88
CA ALA B 333 33.40 -1.61 -41.50
C ALA B 333 32.85 -3.03 -41.64
N GLY B 334 33.71 -4.04 -41.57
CA GLY B 334 33.24 -5.42 -41.68
C GLY B 334 32.42 -5.89 -40.50
N TYR B 335 32.42 -5.13 -39.39
CA TYR B 335 31.75 -5.54 -38.16
C TYR B 335 30.40 -4.88 -37.98
N TRP B 336 29.72 -4.51 -39.07
CA TRP B 336 28.43 -3.86 -38.95
C TRP B 336 27.41 -4.76 -38.29
N LYS B 337 27.34 -6.02 -38.73
CA LYS B 337 26.29 -6.92 -38.25
C LYS B 337 26.39 -7.13 -36.74
N GLN B 338 27.59 -7.04 -36.19
CA GLN B 338 27.76 -7.32 -34.78
C GLN B 338 27.75 -6.06 -33.92
N VAL B 339 28.37 -4.98 -34.38
CA VAL B 339 28.44 -3.80 -33.55
C VAL B 339 27.15 -2.98 -33.65
N GLY B 340 26.39 -3.12 -34.73
CA GLY B 340 25.13 -2.44 -34.88
C GLY B 340 24.12 -2.72 -33.78
N PRO B 341 23.92 -3.99 -33.41
CA PRO B 341 22.99 -4.27 -32.31
C PRO B 341 23.34 -3.57 -31.02
N ILE B 342 24.61 -3.61 -30.60
CA ILE B 342 24.97 -2.99 -29.34
C ILE B 342 24.93 -1.47 -29.45
N ALA B 343 25.30 -0.91 -30.61
CA ALA B 343 25.22 0.53 -30.78
C ALA B 343 23.77 1.01 -30.74
N VAL B 344 22.87 0.29 -31.39
CA VAL B 344 21.45 0.67 -31.39
C VAL B 344 20.88 0.53 -29.99
N GLY B 345 21.17 -0.58 -29.32
CA GLY B 345 20.70 -0.73 -27.94
C GLY B 345 21.20 0.38 -27.04
N SER B 346 22.48 0.73 -27.18
CA SER B 346 23.06 1.77 -26.35
C SER B 346 22.40 3.12 -26.62
N PHE B 347 22.23 3.47 -27.89
CA PHE B 347 21.60 4.75 -28.21
C PHE B 347 20.16 4.80 -27.71
N CYS B 348 19.42 3.71 -27.89
CA CYS B 348 18.03 3.67 -27.44
C CYS B 348 17.93 3.81 -25.93
N LEU B 349 18.76 3.07 -25.20
CA LEU B 349 18.73 3.19 -23.75
C LEU B 349 19.20 4.56 -23.30
N PHE B 350 20.11 5.17 -24.07
CA PHE B 350 20.54 6.54 -23.77
C PHE B 350 19.41 7.53 -23.95
N ILE B 351 18.59 7.35 -25.00
CA ILE B 351 17.44 8.22 -25.18
C ILE B 351 16.47 8.08 -24.01
N PHE B 352 16.25 6.85 -23.55
CA PHE B 352 15.39 6.66 -22.38
C PHE B 352 15.96 7.37 -21.16
N ASP B 353 17.25 7.18 -20.90
CA ASP B 353 17.88 7.78 -19.74
C ASP B 353 17.86 9.30 -19.85
N MET B 354 18.02 9.84 -21.06
CA MET B 354 17.81 11.26 -21.26
C MET B 354 16.41 11.66 -20.85
N CYS B 355 15.40 11.01 -21.44
CA CYS B 355 14.01 11.40 -21.23
C CYS B 355 13.62 11.36 -19.76
N GLU B 356 14.34 10.60 -18.95
CA GLU B 356 14.03 10.67 -17.51
C GLU B 356 14.97 11.63 -16.79
N ARG B 357 16.26 11.31 -16.77
CA ARG B 357 17.20 11.98 -15.89
C ARG B 357 17.53 13.39 -16.35
N GLY B 358 17.57 13.66 -17.65
CA GLY B 358 17.92 14.99 -18.11
C GLY B 358 16.73 15.92 -18.04
N VAL B 359 15.53 15.36 -18.23
CA VAL B 359 14.32 16.15 -18.02
C VAL B 359 14.19 16.53 -16.56
N GLN B 360 14.62 15.64 -15.65
CA GLN B 360 14.55 15.97 -14.23
C GLN B 360 15.37 17.20 -13.87
N LEU B 361 16.30 17.62 -14.72
CA LEU B 361 17.07 18.83 -14.44
C LEU B 361 16.20 20.07 -14.39
N THR B 362 15.08 20.08 -15.13
CA THR B 362 14.16 21.22 -15.12
C THR B 362 13.01 21.03 -14.15
N ASN B 363 12.78 19.83 -13.67
CA ASN B 363 11.70 19.52 -12.75
C ASN B 363 12.15 18.38 -11.85
N PRO B 364 12.68 18.67 -10.66
CA PRO B 364 13.20 17.59 -9.81
C PRO B 364 12.14 16.57 -9.43
N PHE B 365 10.87 16.90 -9.53
CA PHE B 365 9.80 15.97 -9.16
C PHE B 365 9.33 15.13 -10.34
N TYR B 366 9.86 15.35 -11.54
CA TYR B 366 9.39 14.61 -12.70
C TYR B 366 9.76 13.14 -12.60
N SER B 367 8.92 12.30 -13.21
CA SER B 367 9.25 10.88 -13.38
C SER B 367 8.39 10.35 -14.51
N ILE B 368 9.03 9.71 -15.50
CA ILE B 368 8.35 9.33 -16.73
C ILE B 368 7.23 8.34 -16.49
N TRP B 369 7.28 7.58 -15.40
CA TRP B 369 6.27 6.58 -15.11
C TRP B 369 4.94 7.18 -14.65
N THR B 370 4.77 8.50 -14.70
CA THR B 370 3.54 9.11 -14.21
C THR B 370 2.37 8.90 -15.15
N THR B 371 2.59 9.04 -16.46
CA THR B 371 1.52 9.02 -17.46
C THR B 371 1.66 7.81 -18.35
N ASP B 372 0.55 7.43 -18.98
CA ASP B 372 0.55 6.21 -19.80
C ASP B 372 1.36 6.39 -21.08
N ILE B 373 1.30 7.59 -21.70
CA ILE B 373 2.09 7.81 -22.92
C ILE B 373 3.57 7.69 -22.61
N GLY B 374 4.02 8.40 -21.57
CA GLY B 374 5.42 8.31 -21.19
C GLY B 374 5.83 6.91 -20.78
N THR B 375 4.95 6.21 -20.04
CA THR B 375 5.27 4.85 -19.62
C THR B 375 5.44 3.95 -20.83
N GLU B 376 4.53 4.04 -21.79
CA GLU B 376 4.62 3.20 -22.98
C GLU B 376 5.86 3.52 -23.81
N LEU B 377 6.19 4.81 -23.94
CA LEU B 377 7.39 5.19 -24.71
C LEU B 377 8.66 4.68 -24.02
N ALA B 378 8.78 4.89 -22.71
CA ALA B 378 9.95 4.42 -21.98
C ALA B 378 10.06 2.91 -22.05
N MET B 379 8.92 2.21 -21.93
CA MET B 379 8.96 0.76 -22.02
C MET B 379 9.33 0.30 -23.42
N ALA B 380 8.90 1.02 -24.46
CA ALA B 380 9.33 0.69 -25.81
C ALA B 380 10.84 0.82 -25.94
N PHE B 381 11.41 1.90 -25.41
CA PHE B 381 12.86 2.06 -25.46
C PHE B 381 13.57 0.94 -24.71
N ILE B 382 13.08 0.58 -23.52
CA ILE B 382 13.73 -0.48 -22.74
C ILE B 382 13.62 -1.82 -23.46
N ILE B 383 12.46 -2.09 -24.06
CA ILE B 383 12.27 -3.35 -24.77
C ILE B 383 13.19 -3.44 -25.98
N VAL B 384 13.32 -2.33 -26.73
CA VAL B 384 14.24 -2.34 -27.87
C VAL B 384 15.67 -2.57 -27.40
N ALA B 385 16.05 -1.93 -26.28
CA ALA B 385 17.39 -2.16 -25.74
C ALA B 385 17.60 -3.62 -25.38
N GLY B 386 16.60 -4.23 -24.73
CA GLY B 386 16.73 -5.63 -24.34
C GLY B 386 16.82 -6.56 -25.53
N ILE B 387 16.01 -6.30 -26.55
CA ILE B 387 16.06 -7.11 -27.77
C ILE B 387 17.43 -6.98 -28.43
N CYS B 388 17.95 -5.75 -28.50
CA CYS B 388 19.27 -5.56 -29.08
C CYS B 388 20.33 -6.29 -28.28
N LEU B 389 20.23 -6.26 -26.95
CA LEU B 389 21.21 -6.96 -26.13
C LEU B 389 21.14 -8.46 -26.35
N CYS B 390 19.94 -9.03 -26.40
CA CYS B 390 19.83 -10.47 -26.61
C CYS B 390 20.33 -10.87 -27.99
N LEU B 391 20.02 -10.06 -29.01
CA LEU B 391 20.50 -10.33 -30.36
C LEU B 391 22.03 -10.29 -30.39
N TYR B 392 22.62 -9.29 -29.73
CA TYR B 392 24.07 -9.20 -29.66
C TYR B 392 24.65 -10.42 -28.97
N PHE B 393 24.02 -10.87 -27.89
CA PHE B 393 24.56 -12.01 -27.16
C PHE B 393 24.50 -13.27 -28.01
N LEU B 394 23.43 -13.43 -28.80
CA LEU B 394 23.37 -14.55 -29.73
C LEU B 394 24.48 -14.47 -30.76
N PHE B 395 24.74 -13.27 -31.29
CA PHE B 395 25.86 -13.12 -32.22
C PHE B 395 27.18 -13.48 -31.56
N LEU B 396 27.36 -13.10 -30.30
CA LEU B 396 28.62 -13.39 -29.63
C LEU B 396 28.80 -14.88 -29.40
N CYS B 397 27.73 -15.57 -28.98
CA CYS B 397 27.84 -17.01 -28.81
C CYS B 397 28.11 -17.71 -30.13
N PHE B 398 27.45 -17.27 -31.21
CA PHE B 398 27.72 -17.87 -32.50
C PHE B 398 29.16 -17.65 -32.93
N MET B 399 29.68 -16.43 -32.70
CA MET B 399 31.07 -16.17 -33.06
C MET B 399 32.03 -17.03 -32.26
N VAL B 400 31.76 -17.19 -30.96
CA VAL B 400 32.66 -18.01 -30.14
C VAL B 400 32.64 -19.45 -30.62
N PHE B 401 31.44 -19.97 -30.94
CA PHE B 401 31.36 -21.32 -31.48
C PHE B 401 32.12 -21.45 -32.79
N GLN B 402 31.93 -20.49 -33.70
CA GLN B 402 32.60 -20.58 -35.00
C GLN B 402 34.11 -20.49 -34.85
N VAL B 403 34.59 -19.64 -33.95
CA VAL B 403 36.03 -19.50 -33.82
C VAL B 403 36.64 -20.72 -33.15
N PHE B 404 35.91 -21.36 -32.22
CA PHE B 404 36.43 -22.63 -31.71
C PHE B 404 36.41 -23.71 -32.77
N ARG B 405 35.44 -23.66 -33.68
CA ARG B 405 35.46 -24.53 -34.86
C ARG B 405 36.74 -24.32 -35.65
N ASN B 406 37.07 -23.06 -35.94
CA ASN B 406 38.29 -22.74 -36.69
C ASN B 406 39.53 -23.19 -35.92
N ILE B 407 39.57 -22.96 -34.62
CA ILE B 407 40.74 -23.33 -33.82
C ILE B 407 40.95 -24.84 -33.85
N SER B 408 39.87 -25.61 -33.67
CA SER B 408 40.01 -27.06 -33.73
C SER B 408 40.47 -27.52 -35.11
N GLY B 409 39.89 -26.94 -36.16
CA GLY B 409 40.28 -27.31 -37.51
C GLY B 409 41.74 -27.03 -37.80
N LYS B 410 42.21 -25.85 -37.40
CA LYS B 410 43.61 -25.50 -37.60
C LYS B 410 44.51 -26.37 -36.73
N GLN B 411 44.09 -26.63 -35.49
CA GLN B 411 44.89 -27.44 -34.58
C GLN B 411 45.03 -28.86 -35.09
N SER B 412 44.09 -29.33 -35.89
CA SER B 412 44.30 -30.63 -36.52
C SER B 412 45.37 -30.59 -37.63
N SER B 413 46.11 -29.50 -37.79
CA SER B 413 47.14 -29.42 -38.81
C SER B 413 48.39 -28.67 -38.39
N LEU B 414 48.60 -28.42 -37.10
CA LEU B 414 49.72 -27.58 -36.68
C LEU B 414 51.10 -28.08 -37.09
N PRO B 415 51.45 -29.36 -36.99
CA PRO B 415 52.83 -29.77 -37.32
C PRO B 415 53.21 -29.52 -38.77
N ALA B 416 52.24 -29.33 -39.66
CA ALA B 416 52.51 -29.34 -41.10
C ALA B 416 53.33 -28.15 -41.60
N MET B 417 53.13 -26.95 -41.06
CA MET B 417 53.77 -25.75 -41.60
C MET B 417 55.02 -25.36 -40.81
N SER B 418 55.64 -24.26 -41.24
CA SER B 418 56.96 -23.87 -40.80
C SER B 418 56.98 -23.52 -39.32
N LYS B 419 58.20 -23.42 -38.80
CA LYS B 419 58.41 -23.23 -37.36
C LYS B 419 57.82 -21.91 -36.87
N VAL B 420 58.14 -20.81 -37.56
CA VAL B 420 57.69 -19.50 -37.10
C VAL B 420 56.18 -19.36 -37.25
N ARG B 421 55.62 -19.85 -38.36
CA ARG B 421 54.17 -19.80 -38.55
C ARG B 421 53.47 -20.69 -37.54
N ARG B 422 54.08 -21.82 -37.18
CA ARG B 422 53.50 -22.67 -36.14
C ARG B 422 53.45 -21.93 -34.81
N LEU B 423 54.53 -21.23 -34.45
CA LEU B 423 54.51 -20.41 -33.25
C LEU B 423 53.44 -19.34 -33.33
N HIS B 424 53.32 -18.69 -34.49
CA HIS B 424 52.31 -17.65 -34.65
C HIS B 424 50.91 -18.19 -34.36
N TYR B 425 50.55 -19.32 -34.99
CA TYR B 425 49.19 -19.83 -34.84
C TYR B 425 48.96 -20.41 -33.45
N GLU B 426 49.94 -21.13 -32.89
CA GLU B 426 49.76 -21.68 -31.56
C GLU B 426 49.65 -20.56 -30.53
N GLY B 427 50.43 -19.49 -30.71
CA GLY B 427 50.31 -18.34 -29.84
C GLY B 427 48.97 -17.65 -29.99
N LEU B 428 48.44 -17.60 -31.21
CA LEU B 428 47.09 -17.07 -31.38
C LEU B 428 46.08 -17.90 -30.59
N ILE B 429 46.19 -19.22 -30.67
CA ILE B 429 45.27 -20.08 -29.93
C ILE B 429 45.37 -19.78 -28.43
N PHE B 430 46.59 -19.76 -27.91
CA PHE B 430 46.80 -19.52 -26.48
C PHE B 430 46.33 -18.13 -26.07
N ARG B 431 46.64 -17.13 -26.88
CA ARG B 431 46.26 -15.76 -26.58
C ARG B 431 44.75 -15.61 -26.51
N PHE B 432 44.05 -16.27 -27.42
CA PHE B 432 42.59 -16.19 -27.41
C PHE B 432 42.04 -16.92 -26.18
N LYS B 433 42.54 -18.13 -25.92
CA LYS B 433 42.00 -18.91 -24.81
C LYS B 433 42.24 -18.22 -23.48
N PHE B 434 43.39 -17.56 -23.33
CA PHE B 434 43.69 -16.86 -22.10
C PHE B 434 42.66 -15.76 -21.84
N LEU B 435 42.41 -14.92 -22.83
CA LEU B 435 41.46 -13.84 -22.63
C LEU B 435 40.06 -14.37 -22.38
N MET B 436 39.66 -15.43 -23.10
CA MET B 436 38.31 -15.93 -22.86
C MET B 436 38.16 -16.55 -21.47
N LEU B 437 39.18 -17.26 -21.00
CA LEU B 437 39.09 -17.78 -19.64
C LEU B 437 39.06 -16.65 -18.61
N ILE B 438 39.90 -15.64 -18.78
CA ILE B 438 39.92 -14.53 -17.83
C ILE B 438 38.61 -13.78 -17.86
N THR B 439 38.06 -13.54 -19.05
CA THR B 439 36.81 -12.81 -19.16
C THR B 439 35.64 -13.60 -18.60
N LEU B 440 35.62 -14.92 -18.84
CA LEU B 440 34.58 -15.74 -18.23
C LEU B 440 34.70 -15.71 -16.72
N ALA B 441 35.92 -15.80 -16.19
CA ALA B 441 36.10 -15.73 -14.75
C ALA B 441 35.60 -14.40 -14.19
N CYS B 442 36.00 -13.29 -14.83
CA CYS B 442 35.59 -11.98 -14.33
C CYS B 442 34.09 -11.78 -14.44
N ALA B 443 33.48 -12.18 -15.56
CA ALA B 443 32.04 -11.98 -15.71
C ALA B 443 31.26 -12.85 -14.74
N ALA B 444 31.65 -14.13 -14.61
CA ALA B 444 30.95 -15.01 -13.67
C ALA B 444 31.13 -14.52 -12.25
N MET B 445 32.33 -14.07 -11.88
CA MET B 445 32.54 -13.57 -10.53
C MET B 445 31.76 -12.29 -10.27
N THR B 446 31.65 -11.43 -11.28
CA THR B 446 30.84 -10.22 -11.13
C THR B 446 29.37 -10.54 -10.95
N VAL B 447 28.83 -11.46 -11.75
CA VAL B 447 27.43 -11.82 -11.60
C VAL B 447 27.19 -12.47 -10.24
N ILE B 448 28.11 -13.34 -9.82
CA ILE B 448 27.95 -14.01 -8.52
C ILE B 448 27.94 -12.99 -7.39
N PHE B 449 28.91 -12.07 -7.37
CA PHE B 449 28.94 -11.09 -6.29
C PHE B 449 27.80 -10.09 -6.43
N PHE B 450 27.22 -9.95 -7.63
CA PHE B 450 26.07 -9.05 -7.78
C PHE B 450 24.82 -9.69 -7.20
N ILE B 451 24.62 -10.98 -7.44
CA ILE B 451 23.48 -11.66 -6.85
C ILE B 451 23.60 -11.70 -5.33
N VAL B 452 24.82 -11.88 -4.82
CA VAL B 452 25.03 -11.88 -3.38
C VAL B 452 24.66 -10.52 -2.79
N SER B 453 25.05 -9.44 -3.45
CA SER B 453 24.68 -8.11 -2.97
C SER B 453 23.18 -7.88 -3.01
N GLN B 454 22.43 -8.60 -3.84
CA GLN B 454 20.98 -8.44 -3.89
C GLN B 454 20.29 -9.15 -2.74
N VAL B 455 20.78 -10.32 -2.34
CA VAL B 455 20.10 -11.08 -1.30
C VAL B 455 20.66 -10.80 0.09
N THR B 456 21.89 -10.28 0.19
CA THR B 456 22.50 -10.11 1.49
C THR B 456 21.84 -8.98 2.27
N GLU B 457 22.01 -9.03 3.59
CA GLU B 457 21.47 -8.00 4.46
C GLU B 457 22.18 -6.66 4.28
N GLY B 458 23.41 -6.67 3.81
CA GLY B 458 24.24 -5.49 3.77
C GLY B 458 25.39 -5.52 4.75
N HIS B 459 25.40 -6.47 5.67
CA HIS B 459 26.49 -6.64 6.62
C HIS B 459 26.74 -8.12 6.84
N TRP B 460 27.95 -8.43 7.29
CA TRP B 460 28.31 -9.79 7.68
C TRP B 460 29.17 -9.71 8.93
N LYS B 461 28.76 -10.43 9.97
CA LYS B 461 29.49 -10.44 11.22
C LYS B 461 30.58 -11.52 11.17
N TRP B 462 31.84 -11.10 11.27
CA TRP B 462 32.97 -12.01 11.35
C TRP B 462 33.81 -11.64 12.56
N GLY B 463 33.97 -12.58 13.47
CA GLY B 463 34.76 -12.32 14.67
C GLY B 463 34.22 -11.13 15.43
N GLY B 464 35.11 -10.21 15.79
CA GLY B 464 34.72 -9.03 16.51
C GLY B 464 34.39 -7.82 15.64
N VAL B 465 34.35 -7.99 14.31
CA VAL B 465 34.16 -6.89 13.39
C VAL B 465 33.02 -7.21 12.43
N THR B 466 32.47 -6.16 11.84
CA THR B 466 31.48 -6.28 10.78
C THR B 466 32.11 -5.87 9.46
N VAL B 467 31.87 -6.66 8.43
CA VAL B 467 32.38 -6.39 7.09
C VAL B 467 31.21 -6.01 6.20
N GLN B 468 31.33 -4.88 5.51
CA GLN B 468 30.30 -4.47 4.58
C GLN B 468 30.30 -5.41 3.38
N VAL B 469 29.11 -5.81 2.95
CA VAL B 469 29.02 -6.63 1.75
C VAL B 469 28.71 -5.76 0.54
N ASN B 470 27.76 -4.85 0.67
CA ASN B 470 27.38 -4.03 -0.48
C ASN B 470 28.52 -3.12 -0.92
N SER B 471 29.16 -2.43 0.02
CA SER B 471 30.26 -1.56 -0.38
C SER B 471 31.44 -2.34 -0.92
N ALA B 472 31.77 -3.47 -0.29
CA ALA B 472 32.83 -4.31 -0.81
C ALA B 472 32.51 -4.75 -2.23
N PHE B 473 31.24 -4.99 -2.53
CA PHE B 473 30.87 -5.39 -3.89
C PHE B 473 31.21 -4.30 -4.89
N PHE B 474 30.78 -3.06 -4.63
CA PHE B 474 31.05 -1.97 -5.56
C PHE B 474 32.55 -1.77 -5.76
N THR B 475 33.27 -1.61 -4.65
CA THR B 475 34.70 -1.37 -4.77
C THR B 475 35.43 -2.55 -5.39
N GLY B 476 35.06 -3.77 -5.03
CA GLY B 476 35.67 -4.95 -5.58
C GLY B 476 35.45 -5.12 -7.07
N ILE B 477 34.22 -4.91 -7.55
CA ILE B 477 33.98 -5.04 -8.98
C ILE B 477 34.67 -3.93 -9.75
N TYR B 478 34.67 -2.72 -9.20
CA TYR B 478 35.37 -1.64 -9.88
C TYR B 478 36.85 -1.95 -9.97
N GLY B 479 37.43 -2.45 -8.88
CA GLY B 479 38.82 -2.90 -8.94
C GLY B 479 39.02 -4.04 -9.91
N MET B 480 38.06 -4.97 -9.95
CA MET B 480 38.18 -6.13 -10.84
C MET B 480 38.31 -5.68 -12.28
N TRP B 481 37.38 -4.84 -12.73
CA TRP B 481 37.41 -4.48 -14.14
C TRP B 481 38.53 -3.49 -14.45
N ASN B 482 38.95 -2.70 -13.46
CA ASN B 482 40.10 -1.84 -13.70
C ASN B 482 41.37 -2.67 -13.87
N LEU B 483 41.57 -3.69 -13.03
CA LEU B 483 42.71 -4.56 -13.20
C LEU B 483 42.58 -5.39 -14.47
N TYR B 484 41.36 -5.74 -14.87
CA TYR B 484 41.16 -6.43 -16.13
C TYR B 484 41.63 -5.58 -17.30
N VAL B 485 41.27 -4.30 -17.30
CA VAL B 485 41.74 -3.41 -18.36
C VAL B 485 43.25 -3.24 -18.30
N PHE B 486 43.82 -3.13 -17.09
CA PHE B 486 45.28 -3.03 -16.97
C PHE B 486 45.98 -4.24 -17.57
N ALA B 487 45.56 -5.44 -17.17
CA ALA B 487 46.19 -6.65 -17.67
C ALA B 487 45.97 -6.78 -19.17
N LEU B 488 44.78 -6.42 -19.65
CA LEU B 488 44.52 -6.46 -21.08
C LEU B 488 45.47 -5.56 -21.85
N MET B 489 45.67 -4.34 -21.37
CA MET B 489 46.59 -3.43 -22.04
C MET B 489 48.01 -3.97 -22.02
N PHE B 490 48.47 -4.45 -20.87
CA PHE B 490 49.86 -4.86 -20.76
C PHE B 490 50.14 -6.11 -21.57
N LEU B 491 49.28 -7.11 -21.47
CA LEU B 491 49.56 -8.41 -22.04
C LEU B 491 49.31 -8.47 -23.54
N TYR B 492 48.55 -7.54 -24.09
CA TYR B 492 48.18 -7.59 -25.50
C TYR B 492 48.83 -6.49 -26.33
N ALA B 493 49.81 -5.77 -25.75
CA ALA B 493 50.60 -4.84 -26.53
C ALA B 493 51.56 -5.60 -27.44
N PRO B 494 52.04 -4.96 -28.49
CA PRO B 494 53.01 -5.62 -29.38
C PRO B 494 54.32 -5.91 -28.65
N SER B 495 55.07 -6.84 -29.21
CA SER B 495 56.35 -7.24 -28.64
C SER B 495 57.35 -6.09 -28.67
N GLU C 18 -57.69 6.53 -20.06
CA GLU C 18 -57.81 5.09 -20.23
C GLU C 18 -56.54 4.37 -19.76
N PRO C 19 -56.70 3.23 -19.11
CA PRO C 19 -55.54 2.51 -18.55
C PRO C 19 -54.71 1.82 -19.62
N ALA C 20 -53.52 2.33 -19.87
CA ALA C 20 -52.60 1.69 -20.81
C ALA C 20 -51.79 0.62 -20.08
N VAL C 21 -51.92 -0.62 -20.53
CA VAL C 21 -51.23 -1.75 -19.89
C VAL C 21 -49.82 -1.84 -20.45
N TYR C 22 -48.89 -1.09 -19.86
CA TYR C 22 -47.51 -1.11 -20.34
C TYR C 22 -46.86 -2.47 -20.08
N PHE C 23 -47.12 -3.06 -18.93
CA PHE C 23 -46.66 -4.42 -18.63
C PHE C 23 -47.57 -5.02 -17.58
N LYS C 24 -47.72 -6.35 -17.64
CA LYS C 24 -48.56 -7.08 -16.70
C LYS C 24 -48.20 -8.56 -16.79
N GLU C 25 -48.22 -9.24 -15.65
CA GLU C 25 -47.92 -10.67 -15.62
C GLU C 25 -48.44 -11.30 -14.34
N GLN C 26 -48.99 -12.50 -14.48
CA GLN C 26 -49.35 -13.33 -13.35
C GLN C 26 -48.97 -14.79 -13.54
N PHE C 27 -48.30 -15.13 -14.65
CA PHE C 27 -47.94 -16.50 -15.00
C PHE C 27 -49.14 -17.44 -14.99
N LEU C 28 -50.30 -16.93 -15.43
CA LEU C 28 -51.49 -17.77 -15.50
C LEU C 28 -51.35 -18.89 -16.53
N ASP C 29 -50.45 -18.74 -17.50
CA ASP C 29 -50.21 -19.78 -18.49
C ASP C 29 -49.24 -20.85 -18.00
N GLY C 30 -48.51 -20.61 -16.91
CA GLY C 30 -47.61 -21.59 -16.34
C GLY C 30 -46.26 -21.65 -17.03
N ASP C 31 -46.23 -21.38 -18.34
CA ASP C 31 -45.00 -21.46 -19.12
C ASP C 31 -44.64 -20.18 -19.85
N GLY C 32 -45.44 -19.11 -19.73
CA GLY C 32 -45.16 -17.89 -20.46
C GLY C 32 -43.83 -17.25 -20.07
N TRP C 33 -43.33 -17.56 -18.88
CA TRP C 33 -42.00 -17.13 -18.46
C TRP C 33 -40.95 -17.55 -19.48
N THR C 34 -41.06 -18.77 -20.00
CA THR C 34 -40.06 -19.30 -20.91
C THR C 34 -39.88 -18.44 -22.15
N SER C 35 -40.91 -17.68 -22.54
CA SER C 35 -40.86 -16.79 -23.69
C SER C 35 -40.65 -15.33 -23.31
N ARG C 36 -41.21 -14.88 -22.18
CA ARG C 36 -41.20 -13.45 -21.89
C ARG C 36 -39.90 -12.98 -21.26
N TRP C 37 -39.20 -13.83 -20.50
CA TRP C 37 -38.01 -13.42 -19.78
C TRP C 37 -36.76 -13.86 -20.52
N ILE C 38 -35.72 -13.02 -20.45
CA ILE C 38 -34.40 -13.34 -20.98
C ILE C 38 -33.41 -13.27 -19.83
N GLU C 39 -32.75 -14.39 -19.53
CA GLU C 39 -31.73 -14.40 -18.50
C GLU C 39 -30.42 -13.86 -19.06
N SER C 40 -29.59 -13.32 -18.18
CA SER C 40 -28.30 -12.79 -18.58
C SER C 40 -27.25 -13.90 -18.59
N LYS C 41 -26.37 -13.84 -19.61
CA LYS C 41 -25.21 -14.71 -19.68
C LYS C 41 -23.92 -13.94 -19.46
N HIS C 42 -23.97 -12.81 -18.76
CA HIS C 42 -22.76 -12.03 -18.49
C HIS C 42 -21.76 -12.82 -17.66
N LYS C 43 -22.25 -13.59 -16.69
CA LYS C 43 -21.42 -14.44 -15.85
C LYS C 43 -22.00 -15.85 -15.82
N SER C 44 -21.12 -16.85 -15.74
CA SER C 44 -21.55 -18.23 -15.83
C SER C 44 -22.17 -18.76 -14.55
N ASP C 45 -21.91 -18.13 -13.40
CA ASP C 45 -22.37 -18.65 -12.11
C ASP C 45 -23.65 -18.00 -11.61
N PHE C 46 -24.43 -17.36 -12.48
CA PHE C 46 -25.67 -16.76 -12.06
C PHE C 46 -26.63 -17.80 -11.51
N GLY C 47 -27.37 -17.42 -10.47
CA GLY C 47 -28.43 -18.28 -9.98
C GLY C 47 -29.56 -18.38 -10.98
N LYS C 48 -30.24 -19.53 -10.96
CA LYS C 48 -31.33 -19.81 -11.88
C LYS C 48 -32.66 -19.78 -11.15
N PHE C 49 -33.61 -19.01 -11.69
CA PHE C 49 -34.93 -18.93 -11.10
C PHE C 49 -35.76 -20.17 -11.42
N VAL C 50 -36.79 -20.38 -10.61
CA VAL C 50 -37.80 -21.41 -10.86
C VAL C 50 -39.17 -20.79 -10.59
N LEU C 51 -40.21 -21.41 -11.15
CA LEU C 51 -41.57 -20.95 -10.98
C LEU C 51 -42.31 -21.90 -10.05
N SER C 52 -42.78 -21.37 -8.92
CA SER C 52 -43.43 -22.19 -7.91
C SER C 52 -44.37 -21.32 -7.08
N SER C 53 -45.31 -21.97 -6.39
CA SER C 53 -46.24 -21.28 -5.51
C SER C 53 -45.75 -21.19 -4.08
N GLY C 54 -44.60 -21.78 -3.76
CA GLY C 54 -44.05 -21.70 -2.43
C GLY C 54 -44.60 -22.76 -1.49
N LYS C 55 -44.01 -22.77 -0.29
CA LYS C 55 -44.40 -23.74 0.72
C LYS C 55 -45.80 -23.48 1.26
N PHE C 56 -46.19 -22.20 1.36
CA PHE C 56 -47.54 -21.84 1.75
C PHE C 56 -48.07 -20.77 0.81
N TYR C 57 -49.35 -20.86 0.47
CA TYR C 57 -49.94 -19.99 -0.53
C TYR C 57 -51.44 -19.91 -0.30
N GLY C 58 -52.07 -18.94 -0.96
CA GLY C 58 -53.50 -18.81 -0.92
C GLY C 58 -54.17 -19.41 -2.13
N ASP C 59 -53.51 -19.32 -3.28
CA ASP C 59 -54.02 -19.88 -4.53
C ASP C 59 -52.94 -20.74 -5.17
N GLU C 60 -53.37 -21.84 -5.79
CA GLU C 60 -52.42 -22.76 -6.40
C GLU C 60 -51.73 -22.15 -7.61
N GLU C 61 -52.44 -21.36 -8.42
CA GLU C 61 -51.88 -20.87 -9.66
C GLU C 61 -51.72 -19.34 -9.65
N LYS C 62 -52.60 -18.65 -8.94
CA LYS C 62 -52.51 -17.20 -8.88
C LYS C 62 -51.36 -16.73 -8.01
N ASP C 63 -50.70 -17.64 -7.28
CA ASP C 63 -49.54 -17.32 -6.48
C ASP C 63 -48.27 -18.00 -6.97
N LYS C 64 -48.32 -18.78 -8.05
CA LYS C 64 -47.12 -19.42 -8.60
C LYS C 64 -46.29 -18.38 -9.34
N GLY C 65 -45.36 -17.77 -8.61
CA GLY C 65 -44.54 -16.70 -9.14
C GLY C 65 -43.11 -17.13 -9.44
N LEU C 66 -42.24 -16.13 -9.51
CA LEU C 66 -40.84 -16.28 -9.89
C LEU C 66 -39.98 -16.42 -8.64
N GLN C 67 -39.29 -17.56 -8.50
CA GLN C 67 -38.63 -17.95 -7.26
C GLN C 67 -37.11 -18.09 -7.46
N THR C 68 -36.34 -17.53 -6.53
CA THR C 68 -34.91 -17.79 -6.46
C THR C 68 -34.66 -19.16 -5.83
N SER C 69 -33.61 -19.85 -6.28
CA SER C 69 -33.37 -21.22 -5.84
C SER C 69 -31.95 -21.51 -5.37
N GLN C 70 -30.95 -20.72 -5.73
CA GLN C 70 -29.56 -20.99 -5.34
C GLN C 70 -29.08 -19.98 -4.31
N ASP C 71 -28.35 -20.48 -3.32
CA ASP C 71 -27.84 -19.63 -2.25
C ASP C 71 -26.54 -18.95 -2.65
N ALA C 72 -26.34 -17.74 -2.12
CA ALA C 72 -25.11 -16.96 -2.31
C ALA C 72 -24.79 -16.80 -3.79
N ARG C 73 -25.75 -16.24 -4.52
CA ARG C 73 -25.64 -16.07 -5.97
C ARG C 73 -26.04 -14.66 -6.38
N PHE C 74 -25.41 -14.18 -7.45
CA PHE C 74 -25.93 -13.04 -8.18
C PHE C 74 -27.00 -13.51 -9.16
N TYR C 75 -28.09 -12.74 -9.24
CA TYR C 75 -29.20 -13.09 -10.12
C TYR C 75 -29.40 -11.98 -11.15
N ALA C 76 -29.81 -12.38 -12.36
CA ALA C 76 -30.05 -11.42 -13.44
C ALA C 76 -31.10 -12.00 -14.38
N LEU C 77 -32.35 -11.59 -14.18
CA LEU C 77 -33.46 -11.94 -15.06
C LEU C 77 -34.23 -10.68 -15.42
N SER C 78 -34.68 -10.62 -16.67
CA SER C 78 -35.42 -9.45 -17.14
C SER C 78 -36.40 -9.87 -18.23
N ALA C 79 -37.43 -9.04 -18.40
CA ALA C 79 -38.44 -9.24 -19.44
C ALA C 79 -38.71 -7.91 -20.11
N SER C 80 -38.86 -7.94 -21.44
CA SER C 80 -39.14 -6.74 -22.19
C SER C 80 -40.64 -6.50 -22.29
N PHE C 81 -41.01 -5.24 -22.50
CA PHE C 81 -42.40 -4.85 -22.64
C PHE C 81 -42.52 -3.77 -23.70
N GLU C 82 -43.76 -3.42 -24.04
CA GLU C 82 -44.01 -2.49 -25.12
C GLU C 82 -43.43 -1.12 -24.79
N PRO C 83 -42.68 -0.50 -25.71
CA PRO C 83 -42.08 0.81 -25.41
C PRO C 83 -43.12 1.87 -25.15
N PHE C 84 -42.80 2.78 -24.23
CA PHE C 84 -43.66 3.91 -23.92
C PHE C 84 -42.84 4.98 -23.22
N SER C 85 -43.41 6.18 -23.14
CA SER C 85 -42.80 7.29 -22.42
C SER C 85 -43.84 7.94 -21.53
N ASN C 86 -43.44 8.30 -20.32
CA ASN C 86 -44.33 8.89 -19.34
C ASN C 86 -44.35 10.42 -19.41
N LYS C 87 -43.73 11.01 -20.42
CA LYS C 87 -43.79 12.46 -20.58
C LYS C 87 -45.24 12.91 -20.72
N GLY C 88 -45.69 13.72 -19.76
CA GLY C 88 -47.07 14.13 -19.74
C GLY C 88 -48.05 13.04 -19.35
N GLN C 89 -47.57 12.02 -18.62
CA GLN C 89 -48.44 10.91 -18.22
C GLN C 89 -47.98 10.39 -16.87
N THR C 90 -48.94 9.88 -16.10
CA THR C 90 -48.64 9.26 -14.82
C THR C 90 -48.01 7.89 -15.02
N LEU C 91 -47.08 7.53 -14.13
CA LEU C 91 -46.38 6.26 -14.18
C LEU C 91 -46.70 5.43 -12.95
N VAL C 92 -47.00 4.15 -13.16
CA VAL C 92 -47.35 3.23 -12.08
C VAL C 92 -46.58 1.92 -12.28
N VAL C 93 -46.05 1.37 -11.18
CA VAL C 93 -45.38 0.08 -11.17
C VAL C 93 -45.89 -0.70 -9.97
N GLN C 94 -46.12 -2.00 -10.14
CA GLN C 94 -46.65 -2.84 -9.08
C GLN C 94 -46.08 -4.25 -9.19
N PHE C 95 -45.83 -4.87 -8.04
CA PHE C 95 -45.42 -6.27 -7.96
C PHE C 95 -45.67 -6.77 -6.56
N THR C 96 -45.61 -8.10 -6.40
CA THR C 96 -45.79 -8.75 -5.12
C THR C 96 -44.64 -9.72 -4.85
N VAL C 97 -44.29 -9.86 -3.57
CA VAL C 97 -43.15 -10.67 -3.15
C VAL C 97 -43.54 -11.48 -1.92
N LYS C 98 -43.06 -12.73 -1.86
CA LYS C 98 -43.15 -13.55 -0.66
C LYS C 98 -41.75 -14.04 -0.30
N HIS C 99 -41.31 -13.76 0.93
CA HIS C 99 -39.97 -14.10 1.38
C HIS C 99 -39.95 -15.45 2.09
N GLU C 100 -40.09 -16.51 1.29
CA GLU C 100 -40.22 -17.89 1.79
C GLU C 100 -39.14 -18.27 2.80
N GLN C 101 -37.95 -17.70 2.67
CA GLN C 101 -36.81 -18.08 3.50
C GLN C 101 -36.45 -17.05 4.55
N ASN C 102 -37.13 -15.90 4.59
CA ASN C 102 -36.85 -14.84 5.54
C ASN C 102 -35.38 -14.44 5.50
N ILE C 103 -34.97 -13.82 4.39
CA ILE C 103 -33.56 -13.53 4.14
C ILE C 103 -32.98 -12.69 5.27
N ASP C 104 -31.72 -12.96 5.60
CA ASP C 104 -30.91 -12.04 6.39
C ASP C 104 -30.10 -11.09 5.53
N CYS C 105 -29.94 -11.40 4.24
CA CYS C 105 -29.39 -10.48 3.26
C CYS C 105 -29.84 -10.90 1.87
N GLY C 106 -30.39 -9.96 1.11
CA GLY C 106 -30.82 -10.25 -0.24
C GLY C 106 -31.63 -9.11 -0.80
N GLY C 107 -31.59 -9.00 -2.13
CA GLY C 107 -32.37 -7.99 -2.81
C GLY C 107 -33.78 -8.44 -3.12
N GLY C 108 -34.70 -7.48 -3.11
CA GLY C 108 -36.10 -7.77 -3.40
C GLY C 108 -36.75 -6.70 -4.25
N TYR C 109 -35.97 -6.09 -5.15
CA TYR C 109 -36.39 -4.91 -5.88
C TYR C 109 -36.48 -5.21 -7.37
N VAL C 110 -37.03 -4.25 -8.11
CA VAL C 110 -37.17 -4.34 -9.56
C VAL C 110 -36.44 -3.17 -10.20
N LYS C 111 -36.02 -3.36 -11.45
CA LYS C 111 -35.41 -2.32 -12.25
C LYS C 111 -36.13 -2.23 -13.59
N LEU C 112 -36.22 -1.01 -14.13
CA LEU C 112 -36.80 -0.81 -15.45
C LEU C 112 -35.76 -0.13 -16.35
N PHE C 113 -35.74 -0.55 -17.61
CA PHE C 113 -34.70 -0.20 -18.55
C PHE C 113 -35.31 0.28 -19.85
N PRO C 114 -34.57 1.06 -20.64
CA PRO C 114 -34.98 1.30 -22.02
C PRO C 114 -34.69 0.08 -22.89
N ASN C 115 -35.10 0.17 -24.15
CA ASN C 115 -34.90 -0.92 -25.09
C ASN C 115 -33.44 -1.13 -25.47
N SER C 116 -32.56 -0.19 -25.12
CA SER C 116 -31.14 -0.33 -25.46
C SER C 116 -30.46 -1.46 -24.69
N LEU C 117 -31.06 -1.93 -23.60
CA LEU C 117 -30.45 -2.97 -22.78
C LEU C 117 -30.46 -4.30 -23.52
N ASP C 118 -29.28 -4.87 -23.75
CA ASP C 118 -29.17 -6.23 -24.28
C ASP C 118 -29.29 -7.18 -23.10
N GLN C 119 -30.48 -7.79 -22.97
CA GLN C 119 -30.80 -8.59 -21.79
C GLN C 119 -29.86 -9.78 -21.62
N THR C 120 -29.19 -10.21 -22.69
CA THR C 120 -28.27 -11.34 -22.61
C THR C 120 -27.02 -11.02 -21.78
N ASP C 121 -26.74 -9.74 -21.54
CA ASP C 121 -25.46 -9.33 -20.97
C ASP C 121 -25.64 -8.49 -19.70
N MET C 122 -26.86 -8.15 -19.33
CA MET C 122 -27.10 -7.26 -18.20
C MET C 122 -26.47 -7.81 -16.92
N HIS C 123 -26.28 -6.92 -15.96
CA HIS C 123 -25.81 -7.27 -14.62
C HIS C 123 -26.16 -6.15 -13.67
N GLY C 124 -25.70 -6.28 -12.43
CA GLY C 124 -26.03 -5.31 -11.40
C GLY C 124 -25.57 -3.91 -11.70
N ASP C 125 -24.56 -3.76 -12.55
CA ASP C 125 -24.02 -2.45 -12.90
C ASP C 125 -24.64 -1.86 -14.16
N SER C 126 -25.63 -2.53 -14.75
CA SER C 126 -26.29 -2.01 -15.95
C SER C 126 -27.08 -0.74 -15.62
N GLU C 127 -27.22 0.11 -16.63
CA GLU C 127 -27.85 1.42 -16.45
C GLU C 127 -29.36 1.28 -16.59
N TYR C 128 -30.07 1.45 -15.48
CA TYR C 128 -31.53 1.39 -15.46
C TYR C 128 -32.11 2.81 -15.47
N ASN C 129 -33.37 2.91 -15.88
CA ASN C 129 -34.07 4.18 -15.77
C ASN C 129 -34.53 4.44 -14.33
N ILE C 130 -35.01 3.40 -13.64
CA ILE C 130 -35.61 3.56 -12.33
C ILE C 130 -35.47 2.25 -11.56
N MET C 131 -35.37 2.36 -10.23
CA MET C 131 -35.25 1.22 -9.33
C MET C 131 -36.30 1.34 -8.23
N PHE C 132 -36.92 0.21 -7.89
CA PHE C 132 -37.94 0.19 -6.85
C PHE C 132 -38.06 -1.21 -6.26
N GLY C 133 -38.13 -1.28 -4.93
CA GLY C 133 -38.43 -2.51 -4.23
C GLY C 133 -37.82 -2.53 -2.85
N PRO C 134 -38.32 -3.43 -1.99
CA PRO C 134 -37.73 -3.57 -0.66
C PRO C 134 -36.30 -4.10 -0.75
N ASP C 135 -35.46 -3.63 0.16
CA ASP C 135 -34.06 -4.04 0.22
C ASP C 135 -33.75 -4.49 1.63
N ILE C 136 -33.43 -5.78 1.79
CA ILE C 136 -33.16 -6.35 3.10
C ILE C 136 -31.83 -7.08 3.10
N CYS C 137 -30.76 -6.39 3.50
CA CYS C 137 -29.47 -7.02 3.75
C CYS C 137 -28.99 -6.57 5.13
N GLY C 138 -28.83 -7.53 6.03
CA GLY C 138 -28.44 -7.24 7.40
C GLY C 138 -29.60 -6.64 8.17
N PRO C 139 -29.68 -6.96 9.46
CA PRO C 139 -30.75 -6.39 10.29
C PRO C 139 -30.58 -4.91 10.57
N GLY C 140 -29.42 -4.33 10.25
CA GLY C 140 -29.17 -2.93 10.55
C GLY C 140 -29.90 -1.95 9.65
N THR C 141 -30.24 -2.36 8.44
CA THR C 141 -30.97 -1.50 7.51
C THR C 141 -32.11 -2.31 6.89
N LYS C 142 -33.32 -1.79 7.00
CA LYS C 142 -34.53 -2.49 6.55
C LYS C 142 -35.48 -1.51 5.85
N LYS C 143 -34.92 -0.70 4.95
CA LYS C 143 -35.67 0.35 4.28
C LYS C 143 -35.88 0.02 2.81
N VAL C 144 -37.04 0.44 2.29
CA VAL C 144 -37.35 0.24 0.88
C VAL C 144 -36.39 1.09 0.05
N HIS C 145 -35.89 0.52 -1.04
CA HIS C 145 -34.88 1.14 -1.88
C HIS C 145 -35.51 1.66 -3.17
N VAL C 146 -35.26 2.94 -3.48
CA VAL C 146 -35.71 3.55 -4.73
C VAL C 146 -34.59 4.42 -5.27
N ILE C 147 -34.29 4.30 -6.58
CA ILE C 147 -33.27 5.11 -7.25
C ILE C 147 -33.77 5.51 -8.63
N PHE C 148 -33.79 6.81 -8.90
CA PHE C 148 -34.17 7.35 -10.21
C PHE C 148 -32.95 7.91 -10.92
N ASN C 149 -32.79 7.53 -12.19
CA ASN C 149 -31.75 8.11 -13.01
C ASN C 149 -32.18 9.49 -13.47
N TYR C 150 -31.21 10.40 -13.62
CA TYR C 150 -31.53 11.75 -14.09
C TYR C 150 -30.27 12.41 -14.63
N LYS C 151 -30.25 12.67 -15.94
CA LYS C 151 -29.18 13.41 -16.61
C LYS C 151 -27.79 12.85 -16.23
N GLY C 152 -27.67 11.53 -16.27
CA GLY C 152 -26.42 10.88 -15.92
C GLY C 152 -26.22 10.60 -14.45
N LYS C 153 -27.12 11.07 -13.59
CA LYS C 153 -27.02 10.86 -12.15
C LYS C 153 -28.01 9.79 -11.71
N ASN C 154 -27.56 8.89 -10.84
CA ASN C 154 -28.43 7.96 -10.14
C ASN C 154 -28.65 8.50 -8.73
N VAL C 155 -29.90 8.89 -8.46
CA VAL C 155 -30.24 9.64 -7.26
C VAL C 155 -31.20 8.83 -6.39
N LEU C 156 -31.00 8.89 -5.08
CA LEU C 156 -31.76 8.10 -4.13
C LEU C 156 -32.53 9.02 -3.19
N ILE C 157 -33.56 8.45 -2.55
CA ILE C 157 -34.51 9.23 -1.77
C ILE C 157 -33.85 9.82 -0.52
N ASN C 158 -34.42 10.92 -0.03
CA ASN C 158 -34.01 11.51 1.23
C ASN C 158 -34.71 10.84 2.41
N LYS C 159 -36.04 10.85 2.41
CA LYS C 159 -36.81 10.25 3.47
C LYS C 159 -36.76 8.72 3.40
N ASP C 160 -37.23 8.08 4.46
CA ASP C 160 -37.09 6.64 4.63
C ASP C 160 -38.45 5.97 4.72
N ILE C 161 -38.54 4.75 4.20
CA ILE C 161 -39.74 3.92 4.27
C ILE C 161 -39.33 2.54 4.75
N ARG C 162 -39.99 2.05 5.81
CA ARG C 162 -39.66 0.74 6.37
C ARG C 162 -40.30 -0.37 5.55
N CYS C 163 -39.55 -1.46 5.36
CA CYS C 163 -40.04 -2.61 4.62
C CYS C 163 -40.72 -3.61 5.55
N LYS C 164 -41.43 -4.56 4.94
CA LYS C 164 -42.11 -5.60 5.69
C LYS C 164 -41.15 -6.71 6.10
N ASP C 165 -41.52 -7.45 7.14
CA ASP C 165 -40.59 -8.41 7.75
C ASP C 165 -40.79 -9.83 7.25
N ASP C 166 -41.98 -10.38 7.45
CA ASP C 166 -42.16 -11.83 7.48
C ASP C 166 -42.29 -12.43 6.07
N GLU C 167 -42.44 -13.75 6.05
CA GLU C 167 -42.45 -14.54 4.82
C GLU C 167 -43.74 -14.36 4.02
N PHE C 168 -44.75 -13.72 4.59
CA PHE C 168 -46.06 -13.64 3.95
C PHE C 168 -45.97 -12.85 2.64
N THR C 169 -46.87 -13.20 1.71
CA THR C 169 -46.89 -12.53 0.42
C THR C 169 -47.39 -11.10 0.58
N HIS C 170 -46.60 -10.14 0.12
CA HIS C 170 -46.90 -8.73 0.27
C HIS C 170 -46.81 -8.02 -1.07
N LEU C 171 -47.56 -6.93 -1.20
CA LEU C 171 -47.67 -6.18 -2.43
C LEU C 171 -46.97 -4.84 -2.33
N TYR C 172 -46.31 -4.43 -3.40
CA TYR C 172 -45.57 -3.18 -3.47
C TYR C 172 -45.96 -2.44 -4.75
N THR C 173 -46.05 -1.12 -4.65
CA THR C 173 -46.50 -0.31 -5.78
C THR C 173 -45.86 1.07 -5.71
N LEU C 174 -45.48 1.59 -6.88
CA LEU C 174 -44.93 2.94 -7.01
C LEU C 174 -45.72 3.73 -8.03
N ILE C 175 -45.76 5.04 -7.81
CA ILE C 175 -46.57 5.96 -8.61
C ILE C 175 -45.82 7.28 -8.75
N VAL C 176 -45.75 7.80 -9.98
CA VAL C 176 -45.10 9.07 -10.28
C VAL C 176 -46.02 9.89 -11.18
N ARG C 177 -46.06 11.20 -10.97
CA ARG C 177 -46.99 12.09 -11.64
C ARG C 177 -46.27 13.22 -12.37
N PRO C 178 -46.87 13.78 -13.42
CA PRO C 178 -46.25 14.91 -14.12
C PRO C 178 -46.08 16.16 -13.28
N ASP C 179 -46.78 16.29 -12.15
CA ASP C 179 -46.61 17.43 -11.27
C ASP C 179 -45.40 17.30 -10.37
N ASN C 180 -44.46 16.42 -10.71
CA ASN C 180 -43.23 16.19 -9.96
C ASN C 180 -43.54 15.69 -8.55
N THR C 181 -44.52 14.80 -8.44
CA THR C 181 -44.90 14.19 -7.18
C THR C 181 -44.97 12.69 -7.33
N TYR C 182 -44.92 11.99 -6.20
CA TYR C 182 -44.89 10.54 -6.18
C TYR C 182 -45.66 10.04 -4.97
N GLU C 183 -45.97 8.73 -4.98
CA GLU C 183 -46.52 8.08 -3.80
C GLU C 183 -46.19 6.60 -3.84
N VAL C 184 -46.09 6.00 -2.66
CA VAL C 184 -45.69 4.61 -2.52
C VAL C 184 -46.86 3.83 -1.91
N LYS C 185 -47.22 2.71 -2.53
CA LYS C 185 -48.32 1.88 -2.09
C LYS C 185 -47.80 0.50 -1.71
N ILE C 186 -48.14 0.05 -0.51
CA ILE C 186 -47.78 -1.27 -0.03
C ILE C 186 -49.05 -1.95 0.48
N ASP C 187 -49.28 -3.18 0.02
CA ASP C 187 -50.48 -3.95 0.39
C ASP C 187 -51.75 -3.15 0.12
N ASN C 188 -51.77 -2.48 -1.04
CA ASN C 188 -52.89 -1.64 -1.47
C ASN C 188 -53.18 -0.54 -0.44
N SER C 189 -52.14 -0.02 0.19
CA SER C 189 -52.27 1.09 1.13
C SER C 189 -51.09 2.04 0.94
N GLN C 190 -51.37 3.34 1.00
CA GLN C 190 -50.33 4.34 0.84
C GLN C 190 -49.39 4.30 2.05
N VAL C 191 -48.09 4.49 1.79
CA VAL C 191 -47.10 4.48 2.85
C VAL C 191 -46.30 5.78 2.81
N GLU C 192 -46.20 6.39 1.62
CA GLU C 192 -45.41 7.60 1.46
C GLU C 192 -45.91 8.38 0.25
N SER C 193 -45.77 9.71 0.33
CA SER C 193 -46.04 10.59 -0.79
C SER C 193 -45.22 11.86 -0.62
N GLY C 194 -44.95 12.55 -1.73
CA GLY C 194 -44.17 13.77 -1.67
C GLY C 194 -43.84 14.26 -3.07
N SER C 195 -42.94 15.23 -3.12
CA SER C 195 -42.50 15.85 -4.36
C SER C 195 -41.09 15.39 -4.70
N LEU C 196 -40.82 15.25 -5.99
CA LEU C 196 -39.56 14.65 -6.44
C LEU C 196 -38.37 15.53 -6.08
N GLU C 197 -38.38 16.78 -6.56
CA GLU C 197 -37.25 17.67 -6.29
C GLU C 197 -37.15 18.07 -4.83
N ASP C 198 -38.18 17.81 -4.02
CA ASP C 198 -38.11 18.03 -2.58
C ASP C 198 -37.58 16.82 -1.83
N ASP C 199 -37.61 15.65 -2.44
CA ASP C 199 -37.16 14.41 -1.80
C ASP C 199 -35.92 13.79 -2.45
N TRP C 200 -35.47 14.31 -3.59
CA TRP C 200 -34.26 13.85 -4.26
C TRP C 200 -33.33 15.03 -4.53
N ASP C 201 -32.03 14.75 -4.53
CA ASP C 201 -31.01 15.79 -4.70
C ASP C 201 -30.66 16.00 -6.18
N PHE C 202 -31.70 16.22 -6.99
CA PHE C 202 -31.49 16.47 -8.41
C PHE C 202 -30.85 17.84 -8.62
N LEU C 203 -31.36 18.85 -7.94
CA LEU C 203 -31.03 20.24 -8.20
C LEU C 203 -30.24 20.82 -7.03
N PRO C 204 -29.40 21.82 -7.27
CA PRO C 204 -28.71 22.47 -6.16
C PRO C 204 -29.69 23.17 -5.25
N PRO C 205 -29.35 23.35 -3.98
CA PRO C 205 -30.29 23.98 -3.05
C PRO C 205 -30.55 25.44 -3.43
N LYS C 206 -31.77 25.89 -3.13
CA LYS C 206 -32.17 27.25 -3.48
C LYS C 206 -31.41 28.28 -2.67
N LYS C 207 -31.14 27.98 -1.40
CA LYS C 207 -30.38 28.90 -0.53
C LYS C 207 -29.60 28.12 0.53
N ASP C 295 -30.74 33.98 -2.83
CA ASP C 295 -30.99 33.15 -4.01
C ASP C 295 -29.68 32.68 -4.62
N ASN C 296 -29.47 31.36 -4.62
CA ASN C 296 -28.24 30.79 -5.16
C ASN C 296 -28.18 31.02 -6.66
N PRO C 297 -27.07 31.56 -7.19
CA PRO C 297 -27.05 31.95 -8.61
C PRO C 297 -27.13 30.78 -9.59
N GLU C 298 -26.73 29.57 -9.18
CA GLU C 298 -26.72 28.45 -10.11
C GLU C 298 -28.06 27.74 -10.22
N TYR C 299 -29.04 28.13 -9.40
CA TYR C 299 -30.30 27.40 -9.35
C TYR C 299 -31.20 27.76 -10.52
N SER C 300 -31.89 26.75 -11.05
CA SER C 300 -32.94 26.90 -12.05
C SER C 300 -33.77 25.63 -12.07
N PRO C 301 -35.09 25.74 -12.08
CA PRO C 301 -35.93 24.54 -12.00
C PRO C 301 -35.92 23.74 -13.30
N ASP C 302 -36.34 22.48 -13.18
CA ASP C 302 -36.42 21.57 -14.32
C ASP C 302 -37.66 20.70 -14.17
N PRO C 303 -38.68 20.92 -15.01
CA PRO C 303 -39.90 20.10 -14.91
C PRO C 303 -39.74 18.67 -15.43
N SER C 304 -38.68 18.38 -16.19
CA SER C 304 -38.51 17.07 -16.79
C SER C 304 -38.01 16.02 -15.81
N ILE C 305 -37.97 16.32 -14.51
CA ILE C 305 -37.47 15.38 -13.51
C ILE C 305 -38.27 14.08 -13.51
N TYR C 306 -39.59 14.17 -13.65
CA TYR C 306 -40.46 13.01 -13.48
C TYR C 306 -40.44 12.05 -14.66
N ALA C 307 -39.90 12.45 -15.81
CA ALA C 307 -40.09 11.71 -17.04
C ALA C 307 -38.76 11.23 -17.62
N TYR C 308 -38.84 10.19 -18.45
CA TYR C 308 -37.71 9.67 -19.20
C TYR C 308 -38.09 9.57 -20.67
N ASP C 309 -37.07 9.46 -21.51
CA ASP C 309 -37.32 9.43 -22.95
C ASP C 309 -38.03 8.16 -23.39
N ASN C 310 -37.59 6.99 -22.93
CA ASN C 310 -38.24 5.75 -23.31
C ASN C 310 -37.93 4.65 -22.30
N PHE C 311 -38.82 3.67 -22.24
CA PHE C 311 -38.62 2.45 -21.46
C PHE C 311 -39.02 1.27 -22.33
N GLY C 312 -38.26 0.18 -22.20
CA GLY C 312 -38.68 -1.04 -22.88
C GLY C 312 -38.39 -2.36 -22.21
N VAL C 313 -37.83 -2.34 -21.00
CA VAL C 313 -37.40 -3.58 -20.33
C VAL C 313 -37.63 -3.45 -18.82
N LEU C 314 -38.19 -4.51 -18.24
CA LEU C 314 -38.31 -4.64 -16.79
C LEU C 314 -37.32 -5.73 -16.34
N GLY C 315 -36.49 -5.40 -15.35
CA GLY C 315 -35.41 -6.28 -14.97
C GLY C 315 -35.38 -6.59 -13.49
N LEU C 316 -34.92 -7.81 -13.17
CA LEU C 316 -34.73 -8.27 -11.79
C LEU C 316 -33.29 -8.80 -11.68
N ASP C 317 -32.37 -7.90 -11.34
CA ASP C 317 -30.95 -8.23 -11.20
C ASP C 317 -30.54 -7.86 -9.78
N LEU C 318 -29.98 -8.82 -9.05
CA LEU C 318 -29.86 -8.69 -7.61
C LEU C 318 -28.98 -9.81 -7.05
N TRP C 319 -28.57 -9.63 -5.78
CA TRP C 319 -27.78 -10.59 -5.03
C TRP C 319 -28.57 -11.07 -3.82
N GLN C 320 -28.46 -12.37 -3.52
CA GLN C 320 -29.05 -12.95 -2.33
C GLN C 320 -28.13 -13.97 -1.70
N VAL C 321 -28.18 -14.06 -0.37
CA VAL C 321 -27.48 -15.13 0.33
C VAL C 321 -28.40 -16.34 0.52
N LYS C 322 -29.61 -16.11 0.99
CA LYS C 322 -30.60 -17.16 1.18
C LYS C 322 -31.61 -17.11 0.04
N SER C 323 -31.76 -18.22 -0.68
CA SER C 323 -32.71 -18.29 -1.77
C SER C 323 -34.05 -18.85 -1.28
N GLY C 324 -35.07 -18.69 -2.12
CA GLY C 324 -36.39 -19.19 -1.79
C GLY C 324 -37.51 -18.21 -2.05
N THR C 325 -37.21 -16.92 -2.02
CA THR C 325 -38.23 -15.90 -2.20
C THR C 325 -38.84 -15.97 -3.59
N ILE C 326 -40.10 -15.57 -3.68
CA ILE C 326 -40.88 -15.68 -4.91
C ILE C 326 -41.50 -14.32 -5.24
N PHE C 327 -41.55 -14.00 -6.53
CA PHE C 327 -42.08 -12.73 -7.01
C PHE C 327 -43.24 -13.02 -7.96
N ASP C 328 -44.31 -12.24 -7.85
CA ASP C 328 -45.51 -12.48 -8.65
C ASP C 328 -46.31 -11.19 -8.78
N ASN C 329 -47.27 -11.22 -9.71
CA ASN C 329 -48.32 -10.20 -9.82
C ASN C 329 -47.73 -8.83 -10.13
N PHE C 330 -47.07 -8.73 -11.28
CA PHE C 330 -46.48 -7.49 -11.73
C PHE C 330 -47.45 -6.69 -12.60
N LEU C 331 -47.27 -5.36 -12.61
CA LEU C 331 -48.05 -4.50 -13.47
C LEU C 331 -47.32 -3.17 -13.66
N ILE C 332 -47.31 -2.69 -14.90
CA ILE C 332 -46.86 -1.34 -15.23
C ILE C 332 -47.96 -0.67 -16.04
N THR C 333 -48.39 0.51 -15.61
CA THR C 333 -49.51 1.19 -16.25
C THR C 333 -49.42 2.67 -15.94
N ASN C 334 -50.35 3.43 -16.53
CA ASN C 334 -50.46 4.85 -16.28
C ASN C 334 -51.55 5.19 -15.27
N ASP C 335 -52.51 4.29 -15.06
CA ASP C 335 -53.70 4.58 -14.28
C ASP C 335 -53.49 4.14 -12.83
N GLU C 336 -53.64 5.08 -11.90
CA GLU C 336 -53.58 4.75 -10.48
C GLU C 336 -54.72 3.83 -10.07
N ALA C 337 -55.93 4.11 -10.56
CA ALA C 337 -57.09 3.30 -10.18
C ALA C 337 -57.01 1.89 -10.77
N TYR C 338 -56.50 1.76 -11.99
CA TYR C 338 -56.29 0.43 -12.57
C TYR C 338 -55.30 -0.36 -11.72
N ALA C 339 -54.21 0.27 -11.29
CA ALA C 339 -53.27 -0.42 -10.42
C ALA C 339 -53.89 -0.79 -9.09
N GLU C 340 -54.70 0.10 -8.50
CA GLU C 340 -55.32 -0.19 -7.22
C GLU C 340 -56.28 -1.37 -7.34
N GLU C 341 -57.12 -1.39 -8.37
CA GLU C 341 -58.08 -2.48 -8.52
C GLU C 341 -57.37 -3.78 -8.89
N PHE C 342 -56.31 -3.70 -9.70
CA PHE C 342 -55.54 -4.91 -9.99
C PHE C 342 -54.89 -5.46 -8.72
N GLY C 343 -54.32 -4.58 -7.90
CA GLY C 343 -53.71 -5.02 -6.66
C GLY C 343 -54.72 -5.66 -5.73
N ASN C 344 -55.91 -5.06 -5.63
CA ASN C 344 -56.97 -5.68 -4.84
C ASN C 344 -57.29 -7.06 -5.37
N GLU C 345 -57.59 -7.17 -6.67
CA GLU C 345 -58.03 -8.44 -7.24
C GLU C 345 -56.93 -9.50 -7.19
N THR C 346 -55.66 -9.08 -7.13
CA THR C 346 -54.59 -10.07 -7.19
C THR C 346 -54.03 -10.41 -5.81
N TRP C 347 -54.22 -9.56 -4.81
CA TRP C 347 -53.63 -9.80 -3.50
C TRP C 347 -54.65 -9.93 -2.39
N GLY C 348 -55.74 -9.16 -2.40
CA GLY C 348 -56.75 -9.31 -1.37
C GLY C 348 -57.49 -10.63 -1.46
N VAL C 349 -57.59 -11.20 -2.66
CA VAL C 349 -58.25 -12.49 -2.82
C VAL C 349 -57.44 -13.59 -2.17
N THR C 350 -56.10 -13.49 -2.21
CA THR C 350 -55.27 -14.51 -1.61
C THR C 350 -54.97 -14.26 -0.14
N LYS C 351 -54.92 -13.00 0.30
CA LYS C 351 -54.48 -12.66 1.64
C LYS C 351 -55.09 -13.57 2.72
N ALA C 352 -56.41 -13.75 2.70
CA ALA C 352 -57.06 -14.53 3.74
C ALA C 352 -56.76 -16.01 3.60
N ALA C 353 -56.79 -16.54 2.38
CA ALA C 353 -56.53 -17.96 2.18
C ALA C 353 -55.11 -18.33 2.58
N GLU C 354 -54.13 -17.53 2.15
CA GLU C 354 -52.74 -17.77 2.53
C GLU C 354 -52.56 -17.59 4.03
N LYS C 355 -53.19 -16.57 4.63
CA LYS C 355 -53.12 -16.40 6.07
C LYS C 355 -53.60 -17.65 6.80
N GLN C 356 -54.78 -18.14 6.43
CA GLN C 356 -55.34 -19.32 7.08
C GLN C 356 -54.44 -20.55 6.85
N MET C 357 -53.91 -20.70 5.64
CA MET C 357 -53.19 -21.93 5.32
C MET C 357 -51.82 -21.95 6.00
N LYS C 358 -51.11 -20.82 6.03
CA LYS C 358 -49.84 -20.81 6.75
C LYS C 358 -50.06 -20.82 8.25
N ASP C 359 -51.20 -20.29 8.72
CA ASP C 359 -51.55 -20.41 10.12
C ASP C 359 -51.77 -21.88 10.51
N LYS C 360 -52.46 -22.63 9.65
CA LYS C 360 -52.68 -24.05 9.94
C LYS C 360 -51.37 -24.83 9.82
N GLN C 361 -50.50 -24.43 8.90
CA GLN C 361 -49.17 -25.07 8.84
C GLN C 361 -48.36 -24.79 10.10
N ASP C 362 -48.41 -23.56 10.61
CA ASP C 362 -47.74 -23.24 11.86
C ASP C 362 -48.32 -24.02 13.03
N GLU C 363 -49.65 -24.19 13.05
CA GLU C 363 -50.28 -25.00 14.08
C GLU C 363 -49.87 -26.46 13.99
N GLU C 364 -49.79 -27.00 12.77
CA GLU C 364 -49.29 -28.37 12.59
C GLU C 364 -47.87 -28.50 13.08
N GLN C 365 -47.03 -27.50 12.77
CA GLN C 365 -45.67 -27.47 13.28
C GLN C 365 -45.65 -27.46 14.80
N ARG C 366 -46.53 -26.66 15.43
CA ARG C 366 -46.56 -26.58 16.89
C ARG C 366 -47.02 -27.92 17.48
N LEU C 367 -48.01 -28.59 16.86
CA LEU C 367 -48.40 -29.92 17.33
C LEU C 367 -47.25 -30.91 17.23
N LYS C 368 -46.58 -30.93 16.08
CA LYS C 368 -45.49 -31.87 15.85
C LYS C 368 -44.34 -31.64 16.81
N GLU C 369 -43.97 -30.37 17.00
CA GLU C 369 -42.87 -30.04 17.90
C GLU C 369 -43.20 -30.41 19.33
N GLU C 370 -44.41 -30.07 19.80
CA GLU C 370 -44.74 -30.38 21.19
C GLU C 370 -44.89 -31.88 21.43
N GLU C 371 -45.43 -32.62 20.45
CA GLU C 371 -45.54 -34.07 20.63
C GLU C 371 -44.18 -34.75 20.51
N GLU C 372 -43.27 -34.19 19.69
CA GLU C 372 -41.91 -34.70 19.66
C GLU C 372 -41.20 -34.45 20.98
N ASP C 373 -41.41 -33.28 21.58
CA ASP C 373 -40.85 -33.00 22.89
C ASP C 373 -41.43 -33.91 23.96
N LYS C 374 -42.72 -34.23 23.85
CA LYS C 374 -43.34 -35.17 24.79
C LYS C 374 -42.78 -36.58 24.64
N LYS C 375 -42.60 -37.04 23.40
CA LYS C 375 -42.10 -38.40 23.17
C LYS C 375 -40.63 -38.54 23.49
N ARG C 376 -39.83 -37.50 23.24
CA ARG C 376 -38.38 -37.61 23.38
C ARG C 376 -37.97 -37.83 24.83
N LYS C 377 -38.60 -37.13 25.76
CA LYS C 377 -38.25 -37.27 27.17
C LYS C 377 -38.81 -38.55 27.76
C1 NAG D . -25.38 -7.90 13.35
C2 NAG D . -24.04 -7.53 12.78
C3 NAG D . -24.12 -7.39 11.27
C4 NAG D . -24.57 -8.70 10.64
C5 NAG D . -25.26 -9.70 11.59
C6 NAG D . -24.39 -10.89 11.93
C7 NAG D . -23.90 -5.07 13.44
C8 NAG D . -25.19 -4.77 12.73
N2 NAG D . -23.44 -6.35 13.41
O3 NAG D . -22.85 -7.02 10.77
O4 NAG D . -25.43 -8.42 9.54
O5 NAG D . -25.79 -9.18 12.83
O6 NAG D . -24.29 -11.05 13.35
O7 NAG D . -23.27 -4.19 14.02
C1 NAG D . -24.81 -8.80 8.28
C2 NAG D . -24.21 -7.56 7.61
C3 NAG D . -22.93 -7.93 6.89
C4 NAG D . -23.07 -9.26 6.18
C5 NAG D . -23.36 -10.36 7.19
C6 NAG D . -22.14 -11.21 7.51
C7 NAG D . -25.31 -5.64 6.54
C8 NAG D . -24.45 -4.77 7.40
N2 NAG D . -25.16 -6.96 6.69
O3 NAG D . -21.86 -7.98 7.83
O4 NAG D . -24.18 -9.17 5.29
O5 NAG D . -23.79 -9.80 8.44
O6 NAG D . -20.93 -10.57 7.09
O7 NAG D . -26.11 -5.17 5.73
C1 BMA D . -23.91 -9.63 3.95
C2 BMA D . -23.47 -8.43 3.10
C3 BMA D . -23.61 -8.84 1.65
C4 BMA D . -23.12 -10.31 1.35
C5 BMA D . -22.86 -11.25 2.60
C6 BMA D . -21.54 -12.01 2.48
O2 BMA D . -22.09 -8.15 3.31
O3 BMA D . -22.93 -7.95 0.78
O4 BMA D . -24.07 -10.93 0.51
O5 BMA D . -22.86 -10.56 3.87
O6 BMA D . -21.37 -12.39 1.12
C1 MAN D . -23.74 -6.82 0.46
C2 MAN D . -23.79 -6.70 -1.06
C3 MAN D . -22.36 -6.58 -1.56
C4 MAN D . -21.63 -5.41 -0.87
C5 MAN D . -21.76 -5.54 0.65
C6 MAN D . -21.22 -4.33 1.40
O2 MAN D . -24.44 -5.49 -1.46
O3 MAN D . -22.29 -6.45 -2.98
O4 MAN D . -20.26 -5.43 -1.22
O5 MAN D . -23.15 -5.68 1.01
O6 MAN D . -19.80 -4.42 1.38
C1 MAN D . -25.34 -5.75 -2.57
C2 MAN D . -25.51 -4.43 -3.36
C3 MAN D . -26.30 -3.44 -2.52
C4 MAN D . -27.63 -4.06 -2.09
C5 MAN D . -27.35 -5.34 -1.28
C6 MAN D . -28.61 -6.07 -0.88
O2 MAN D . -26.31 -4.64 -4.53
O3 MAN D . -26.54 -2.22 -3.22
O4 MAN D . -28.35 -3.15 -1.30
O5 MAN D . -26.59 -6.25 -2.10
O6 MAN D . -28.94 -7.00 -1.91
C1 MAN D . -25.47 -4.56 -5.70
C2 MAN D . -25.37 -3.08 -6.11
C3 MAN D . -26.72 -2.57 -6.62
C4 MAN D . -27.32 -3.51 -7.68
C5 MAN D . -27.35 -4.95 -7.16
C6 MAN D . -27.79 -5.93 -8.22
O2 MAN D . -24.45 -2.89 -7.19
O3 MAN D . -26.60 -1.28 -7.18
O4 MAN D . -28.64 -3.11 -7.99
O5 MAN D . -26.02 -5.34 -6.74
O6 MAN D . -26.68 -6.76 -8.53
C1 GLC D . -27.15 -0.33 -6.24
C2 GLC D . -27.67 0.87 -7.03
C3 GLC D . -26.52 1.52 -7.79
C4 GLC D . -25.34 1.81 -6.87
C5 GLC D . -25.00 0.61 -6.00
C6 GLC D . -23.97 0.98 -4.94
O2 GLC D . -28.66 0.44 -7.94
O3 GLC D . -26.98 2.73 -8.38
O4 GLC D . -24.22 2.16 -7.65
O5 GLC D . -26.16 0.13 -5.35
O6 GLC D . -24.55 1.87 -4.01
C1 PAM E . 21.75 4.97 -19.28
O1 PAM E . 22.60 5.21 -18.38
C2 PAM E . 22.12 5.30 -20.72
C3 PAM E . 23.30 4.46 -21.16
C4 PAM E . 24.39 5.39 -21.68
C5 PAM E . 24.94 4.87 -23.00
C6 PAM E . 25.20 6.06 -23.91
C7 PAM E . 26.13 5.67 -25.05
C8 PAM E . 26.05 6.73 -26.14
C9 PAM E . 26.50 8.07 -25.57
C10 PAM E . 26.46 9.17 -26.31
C11 PAM E . 25.96 9.10 -27.74
C12 PAM E . 24.94 10.21 -27.97
C13 PAM E . 23.98 9.80 -29.10
C14 PAM E . 24.23 10.66 -30.32
C15 PAM E . 23.79 12.10 -30.04
C16 PAM E . 24.19 12.99 -31.20
N POV F . 27.91 4.09 -7.55
P POV F . 30.99 5.52 -11.27
C1 POV F . 32.09 3.35 -12.32
C2 POV F . 32.11 1.83 -12.14
C3 POV F . 32.70 1.19 -13.40
C210 POV F . 25.29 -7.69 -14.22
C310 POV F . 27.32 -9.82 -17.90
C11 POV F . 29.16 4.91 -9.49
O11 POV F . 31.01 3.88 -11.57
C211 POV F . 24.00 -8.52 -13.95
C12 POV F . 29.17 4.67 -7.96
O12 POV F . 30.20 5.78 -9.84
C212 POV F . 23.53 -9.20 -15.27
C13 POV F . 27.91 3.86 -6.14
O13 POV F . 32.40 6.04 -11.20
C14 POV F . 27.69 2.85 -8.23
O14 POV F . 30.25 6.21 -12.38
C15 POV F . 26.81 5.01 -7.89
C21 POV F . 30.62 0.50 -10.85
O21 POV F . 30.80 1.37 -11.97
C22 POV F . 29.28 -0.25 -10.67
O22 POV F . 31.50 0.35 -10.07
C23 POV F . 29.58 -1.62 -10.04
C24 POV F . 29.48 -2.71 -11.13
C25 POV F . 28.40 -3.73 -10.73
C26 POV F . 28.37 -4.89 -11.78
C27 POV F . 27.07 -4.81 -12.59
C28 POV F . 27.01 -5.99 -13.58
C29 POV F . 25.73 -6.82 -13.31
C31 POV F . 32.60 -0.88 -14.51
O31 POV F . 31.90 0.08 -13.75
C32 POV F . 32.40 -2.38 -14.23
O32 POV F . 33.33 -0.53 -15.36
C33 POV F . 32.09 -3.11 -15.55
C34 POV F . 31.13 -4.27 -15.25
C35 POV F . 31.07 -5.22 -16.45
C36 POV F . 29.74 -5.99 -16.42
C37 POV F . 29.84 -7.22 -17.38
C38 POV F . 29.09 -8.42 -16.74
C39 POV F . 28.83 -9.49 -17.86
#